data_7AT3
#
_entry.id   7AT3
#
_cell.length_a   48.054
_cell.length_b   80.487
_cell.length_c   145.055
_cell.angle_alpha   90.000
_cell.angle_beta   90.000
_cell.angle_gamma   90.000
#
_symmetry.space_group_name_H-M   'P 21 21 21'
#
loop_
_entity.id
_entity.type
_entity.pdbx_description
1 polymer EstD11
2 non-polymer 'FORMIC ACID'
3 non-polymer '(2R)-2-(6-methoxynaphthalen-2-yl)propanoic acid'
4 non-polymer METHANOL
5 water water
#
_entity_poly.entity_id   1
_entity_poly.type   'polypeptide(L)'
_entity_poly.pdbx_seq_one_letter_code
;MASEALTMIVNLLRSQRPLQEPTVEQMRAGLEAMAQMSPLPADVELTTVDAGGVPGAWVRVPESDPDRVVLYLHGGGYVI
GSIRTHRDLAQRIARAARCRVLLIDYRLAPEHPHPAAVEDSTRAYRWLLETGSDPKRMAIAGDSAGGGLTVATLVALRDA
GVPLPAAAVCLSPWVDLEGIGESMTTKAAVDPMVQREPLLRMASMYLAGQDPRTPLAAPLYADLRGLPPLLIQVGTAETL
LDDSVRLAERARAAGVQVTLEPWEDMIHVWQAFAAMLPEGQQAIERIGEFLRQHWQ
;
_entity_poly.pdbx_strand_id   A,B
#
loop_
_chem_comp.id
_chem_comp.type
_chem_comp.name
_chem_comp.formula
FMT non-polymer 'FORMIC ACID' 'C H2 O2'
MOH non-polymer METHANOL 'C H4 O'
NPX non-polymer '(2R)-2-(6-methoxynaphthalen-2-yl)propanoic acid' 'C14 H14 O3'
#
# COMPACT_ATOMS: atom_id res chain seq x y z
N ALA A 2 -26.61 -11.48 -26.30
CA ALA A 2 -25.23 -11.36 -25.74
C ALA A 2 -24.47 -12.66 -25.96
N SER A 3 -23.14 -12.59 -25.94
CA SER A 3 -22.23 -13.76 -26.05
C SER A 3 -22.58 -14.80 -24.97
N GLU A 4 -22.34 -16.08 -25.26
CA GLU A 4 -22.54 -17.18 -24.27
C GLU A 4 -21.62 -16.95 -23.07
N ALA A 5 -20.46 -16.32 -23.28
CA ALA A 5 -19.47 -15.99 -22.22
C ALA A 5 -20.12 -15.13 -21.14
N LEU A 6 -21.13 -14.33 -21.45
CA LEU A 6 -21.81 -13.51 -20.41
C LEU A 6 -22.36 -14.43 -19.31
N THR A 7 -22.90 -15.59 -19.65
CA THR A 7 -23.45 -16.55 -18.66
C THR A 7 -22.35 -16.97 -17.67
N MET A 8 -21.14 -17.21 -18.16
CA MET A 8 -19.99 -17.61 -17.30
C MET A 8 -19.65 -16.46 -16.34
N ILE A 9 -19.61 -15.23 -16.83
CA ILE A 9 -19.25 -14.06 -15.97
C ILE A 9 -20.37 -13.86 -14.93
N VAL A 10 -21.62 -13.95 -15.34
CA VAL A 10 -22.76 -13.80 -14.41
C VAL A 10 -22.66 -14.89 -13.34
N ASN A 11 -22.39 -16.13 -13.72
CA ASN A 11 -22.27 -17.25 -12.75
C ASN A 11 -21.13 -16.97 -11.77
N LEU A 12 -20.00 -16.47 -12.25
CA LEU A 12 -18.87 -16.11 -11.35
C LEU A 12 -19.34 -15.06 -10.33
N LEU A 13 -20.01 -14.01 -10.80
CA LEU A 13 -20.38 -12.87 -9.93
C LEU A 13 -21.49 -13.28 -8.95
N ARG A 14 -22.38 -14.20 -9.32
CA ARG A 14 -23.46 -14.65 -8.41
C ARG A 14 -22.86 -15.39 -7.22
N SER A 15 -21.65 -15.96 -7.36
CA SER A 15 -20.96 -16.69 -6.26
C SER A 15 -19.90 -15.82 -5.59
N GLN A 16 -19.11 -15.07 -6.36
CA GLN A 16 -18.07 -14.15 -5.84
C GLN A 16 -18.67 -12.76 -5.81
N ARG A 17 -19.06 -12.32 -4.62
CA ARG A 17 -19.86 -11.11 -4.40
C ARG A 17 -19.04 -10.22 -3.50
N PRO A 18 -17.93 -9.63 -3.99
CA PRO A 18 -17.07 -8.81 -3.12
C PRO A 18 -17.82 -7.66 -2.45
N LEU A 19 -18.87 -7.10 -3.09
CA LEU A 19 -19.63 -5.96 -2.51
C LEU A 19 -20.53 -6.43 -1.35
N GLN A 20 -20.74 -7.74 -1.18
CA GLN A 20 -21.61 -8.30 -0.11
C GLN A 20 -20.80 -9.00 0.98
N GLU A 21 -19.46 -8.85 0.99
CA GLU A 21 -18.62 -9.47 2.04
C GLU A 21 -18.92 -8.81 3.38
N PRO A 22 -18.82 -9.54 4.51
CA PRO A 22 -19.28 -9.02 5.80
C PRO A 22 -18.45 -7.90 6.41
N THR A 23 -17.19 -7.73 5.99
CA THR A 23 -16.31 -6.66 6.51
C THR A 23 -15.63 -5.96 5.34
N VAL A 24 -15.19 -4.74 5.57
CA VAL A 24 -14.45 -3.95 4.54
C VAL A 24 -13.19 -4.71 4.13
N GLU A 25 -12.46 -5.28 5.11
N GLU A 25 -12.44 -5.31 5.08
CA GLU A 25 -11.23 -6.09 4.88
CA GLU A 25 -11.19 -6.01 4.69
C GLU A 25 -11.53 -7.23 3.89
C GLU A 25 -11.53 -7.25 3.84
N GLN A 26 -12.65 -7.92 4.11
CA GLN A 26 -13.04 -9.10 3.29
C GLN A 26 -13.52 -8.65 1.90
N MET A 27 -14.17 -7.49 1.81
N MET A 27 -14.18 -7.49 1.81
CA MET A 27 -14.55 -6.90 0.51
CA MET A 27 -14.57 -6.86 0.52
C MET A 27 -13.28 -6.58 -0.29
C MET A 27 -13.28 -6.58 -0.28
N ARG A 28 -12.29 -5.97 0.36
CA ARG A 28 -11.04 -5.58 -0.32
C ARG A 28 -10.31 -6.84 -0.80
N ALA A 29 -10.16 -7.83 0.09
CA ALA A 29 -9.44 -9.08 -0.21
C ALA A 29 -10.17 -9.84 -1.32
N GLY A 30 -11.51 -9.85 -1.30
CA GLY A 30 -12.34 -10.54 -2.31
C GLY A 30 -12.09 -9.98 -3.69
N LEU A 31 -12.04 -8.66 -3.83
CA LEU A 31 -11.82 -8.06 -5.16
C LEU A 31 -10.37 -8.31 -5.60
N GLU A 32 -9.41 -8.23 -4.68
CA GLU A 32 -7.99 -8.54 -4.98
C GLU A 32 -7.88 -9.98 -5.49
N ALA A 33 -8.58 -10.94 -4.87
CA ALA A 33 -8.50 -12.36 -5.27
C ALA A 33 -9.04 -12.52 -6.69
N MET A 34 -10.13 -11.83 -7.02
N MET A 34 -10.14 -11.85 -7.01
CA MET A 34 -10.79 -11.95 -8.34
CA MET A 34 -10.78 -11.93 -8.35
C MET A 34 -9.88 -11.34 -9.43
C MET A 34 -9.81 -11.37 -9.40
N ALA A 35 -9.24 -10.20 -9.15
CA ALA A 35 -8.34 -9.51 -10.11
C ALA A 35 -7.11 -10.38 -10.41
N GLN A 36 -6.60 -11.09 -9.39
CA GLN A 36 -5.39 -11.96 -9.48
C GLN A 36 -5.61 -13.08 -10.50
N MET A 37 -6.84 -13.35 -10.92
CA MET A 37 -7.16 -14.43 -11.90
C MET A 37 -6.78 -14.00 -13.32
N SER A 38 -6.96 -12.72 -13.68
CA SER A 38 -6.66 -12.15 -15.01
C SER A 38 -5.15 -11.95 -15.10
N PRO A 39 -4.37 -12.89 -15.70
CA PRO A 39 -2.92 -12.83 -15.65
C PRO A 39 -2.42 -11.72 -16.58
N LEU A 40 -1.39 -10.98 -16.16
CA LEU A 40 -0.92 -9.76 -16.87
C LEU A 40 -0.05 -10.20 -18.04
N PRO A 41 -0.22 -9.62 -19.26
CA PRO A 41 0.67 -9.93 -20.37
C PRO A 41 2.12 -9.56 -20.04
N ALA A 42 3.07 -10.29 -20.65
CA ALA A 42 4.53 -10.15 -20.46
C ALA A 42 5.01 -8.75 -20.88
N ASP A 43 4.31 -8.09 -21.81
CA ASP A 43 4.77 -6.82 -22.45
C ASP A 43 4.27 -5.60 -21.68
N VAL A 44 3.57 -5.76 -20.55
CA VAL A 44 3.13 -4.61 -19.72
C VAL A 44 4.28 -4.18 -18.81
N GLU A 45 4.59 -2.89 -18.79
CA GLU A 45 5.60 -2.28 -17.89
C GLU A 45 4.87 -1.43 -16.85
N LEU A 46 5.08 -1.75 -15.58
N LEU A 46 5.11 -1.72 -15.57
CA LEU A 46 4.53 -1.02 -14.41
CA LEU A 46 4.49 -1.03 -14.41
C LEU A 46 5.69 -0.33 -13.69
C LEU A 46 5.59 -0.36 -13.59
N THR A 47 5.53 0.96 -13.42
CA THR A 47 6.53 1.80 -12.71
C THR A 47 5.82 2.54 -11.59
N THR A 48 6.12 2.23 -10.33
N THR A 48 6.15 2.22 -10.34
CA THR A 48 5.56 2.96 -9.17
CA THR A 48 5.69 2.95 -9.12
C THR A 48 6.12 4.38 -9.22
C THR A 48 6.14 4.41 -9.24
N VAL A 49 5.29 5.36 -8.86
CA VAL A 49 5.65 6.80 -8.85
C VAL A 49 4.94 7.50 -7.70
N ASP A 50 5.56 8.54 -7.15
CA ASP A 50 4.89 9.51 -6.23
C ASP A 50 4.29 10.60 -7.13
N ALA A 51 2.98 10.54 -7.38
CA ALA A 51 2.29 11.50 -8.26
C ALA A 51 1.89 12.73 -7.42
N GLY A 52 2.89 13.53 -7.01
CA GLY A 52 2.69 14.79 -6.29
C GLY A 52 2.09 14.59 -4.91
N GLY A 53 2.42 13.48 -4.25
CA GLY A 53 1.96 13.16 -2.88
C GLY A 53 0.90 12.07 -2.87
N VAL A 54 0.48 11.61 -4.05
CA VAL A 54 -0.50 10.49 -4.23
C VAL A 54 0.25 9.32 -4.83
N PRO A 55 0.23 8.10 -4.22
CA PRO A 55 0.94 6.97 -4.80
C PRO A 55 0.29 6.58 -6.13
N GLY A 56 1.10 6.22 -7.11
CA GLY A 56 0.59 5.84 -8.43
C GLY A 56 1.44 4.78 -9.07
N ALA A 57 0.99 4.30 -10.22
CA ALA A 57 1.79 3.41 -11.09
C ALA A 57 1.55 3.84 -12.53
N TRP A 58 2.64 4.08 -13.25
CA TRP A 58 2.60 4.19 -14.73
C TRP A 58 2.37 2.79 -15.31
N VAL A 59 1.44 2.69 -16.24
CA VAL A 59 1.15 1.46 -17.01
C VAL A 59 1.48 1.80 -18.47
N ARG A 60 2.46 1.10 -19.02
CA ARG A 60 2.95 1.30 -20.40
C ARG A 60 2.90 -0.04 -21.14
N VAL A 61 2.55 -0.01 -22.41
CA VAL A 61 2.59 -1.18 -23.32
C VAL A 61 3.40 -0.77 -24.54
N PRO A 62 3.82 -1.72 -25.41
CA PRO A 62 4.73 -1.38 -26.50
C PRO A 62 4.34 -0.18 -27.36
N GLU A 63 3.06 0.00 -27.68
CA GLU A 63 2.61 1.08 -28.59
C GLU A 63 2.08 2.29 -27.81
N SER A 64 2.41 2.41 -26.52
CA SER A 64 2.11 3.63 -25.72
C SER A 64 2.86 4.83 -26.30
N ASP A 65 2.14 5.85 -26.80
CA ASP A 65 2.71 7.20 -27.11
C ASP A 65 3.14 7.82 -25.78
N PRO A 66 4.43 8.16 -25.61
CA PRO A 66 4.94 8.59 -24.31
C PRO A 66 4.40 9.96 -23.85
N ASP A 67 3.73 10.71 -24.74
CA ASP A 67 3.24 12.07 -24.42
C ASP A 67 1.71 12.08 -24.30
N ARG A 68 1.03 10.94 -24.49
CA ARG A 68 -0.44 10.84 -24.25
C ARG A 68 -0.65 10.10 -22.93
N VAL A 69 -1.54 10.60 -22.08
CA VAL A 69 -1.73 10.05 -20.71
CA VAL A 69 -1.75 9.99 -20.74
C VAL A 69 -3.23 10.02 -20.38
N VAL A 70 -3.71 8.88 -19.91
CA VAL A 70 -5.02 8.75 -19.22
C VAL A 70 -4.73 8.67 -17.73
N LEU A 71 -5.30 9.59 -16.95
CA LEU A 71 -5.36 9.45 -15.47
C LEU A 71 -6.54 8.52 -15.19
N TYR A 72 -6.26 7.32 -14.66
CA TYR A 72 -7.30 6.29 -14.46
C TYR A 72 -7.67 6.22 -12.98
N LEU A 73 -8.96 6.33 -12.70
CA LEU A 73 -9.57 6.36 -11.35
C LEU A 73 -10.37 5.07 -11.16
N HIS A 74 -9.83 4.15 -10.35
CA HIS A 74 -10.41 2.80 -10.20
C HIS A 74 -11.76 2.86 -9.46
N GLY A 75 -12.60 1.88 -9.72
CA GLY A 75 -13.85 1.69 -8.99
C GLY A 75 -13.66 0.89 -7.72
N GLY A 76 -14.77 0.63 -7.05
CA GLY A 76 -14.83 -0.05 -5.75
C GLY A 76 -15.60 0.75 -4.70
N GLY A 77 -16.58 1.57 -5.10
CA GLY A 77 -17.51 2.21 -4.18
C GLY A 77 -16.86 3.27 -3.29
N TYR A 78 -15.66 3.74 -3.64
CA TYR A 78 -14.84 4.69 -2.83
C TYR A 78 -14.26 3.98 -1.60
N VAL A 79 -14.40 2.66 -1.51
CA VAL A 79 -14.03 1.88 -0.30
C VAL A 79 -13.01 0.78 -0.64
N ILE A 80 -13.12 0.15 -1.80
CA ILE A 80 -12.25 -0.99 -2.19
C ILE A 80 -11.58 -0.69 -3.53
N GLY A 81 -10.81 -1.65 -4.03
CA GLY A 81 -10.04 -1.48 -5.26
C GLY A 81 -8.66 -0.93 -4.96
N SER A 82 -7.77 -1.06 -5.93
CA SER A 82 -6.35 -0.73 -5.74
C SER A 82 -5.67 -0.66 -7.10
N ILE A 83 -4.40 -0.31 -7.10
CA ILE A 83 -3.56 -0.44 -8.31
C ILE A 83 -3.61 -1.89 -8.80
N ARG A 84 -3.57 -2.86 -7.89
N ARG A 84 -3.58 -2.86 -7.89
CA ARG A 84 -3.55 -4.30 -8.23
CA ARG A 84 -3.53 -4.30 -8.29
C ARG A 84 -4.86 -4.70 -8.93
C ARG A 84 -4.87 -4.73 -8.91
N THR A 85 -6.02 -4.25 -8.42
CA THR A 85 -7.32 -4.72 -8.94
C THR A 85 -7.55 -4.21 -10.35
N HIS A 86 -7.00 -3.03 -10.68
CA HIS A 86 -7.37 -2.33 -11.92
C HIS A 86 -6.21 -2.21 -12.90
N ARG A 87 -5.05 -2.79 -12.62
N ARG A 87 -5.05 -2.79 -12.61
CA ARG A 87 -3.90 -2.64 -13.56
CA ARG A 87 -3.88 -2.69 -13.53
C ARG A 87 -4.20 -3.40 -14.86
C ARG A 87 -4.20 -3.40 -14.86
N ASP A 88 -5.00 -4.48 -14.86
CA ASP A 88 -5.34 -5.19 -16.12
C ASP A 88 -6.24 -4.30 -17.00
N LEU A 89 -7.27 -3.69 -16.43
CA LEU A 89 -8.14 -2.79 -17.22
C LEU A 89 -7.29 -1.61 -17.71
N ALA A 90 -6.38 -1.09 -16.88
CA ALA A 90 -5.49 0.04 -17.25
C ALA A 90 -4.64 -0.35 -18.46
N GLN A 91 -4.02 -1.53 -18.44
CA GLN A 91 -3.10 -1.91 -19.55
C GLN A 91 -3.93 -2.10 -20.83
N ARG A 92 -5.14 -2.66 -20.74
CA ARG A 92 -6.01 -2.85 -21.92
C ARG A 92 -6.36 -1.48 -22.54
N ILE A 93 -6.63 -0.49 -21.70
CA ILE A 93 -6.96 0.88 -22.21
C ILE A 93 -5.70 1.49 -22.81
N ALA A 94 -4.54 1.31 -22.17
CA ALA A 94 -3.24 1.82 -22.68
C ALA A 94 -2.99 1.27 -24.08
N ARG A 95 -3.29 -0.01 -24.29
CA ARG A 95 -3.10 -0.72 -25.57
C ARG A 95 -4.07 -0.16 -26.62
N ALA A 96 -5.35 -0.03 -26.29
CA ALA A 96 -6.39 0.40 -27.25
C ALA A 96 -6.21 1.88 -27.61
N ALA A 97 -5.86 2.73 -26.64
CA ALA A 97 -5.71 4.19 -26.83
C ALA A 97 -4.28 4.54 -27.24
N ARG A 98 -3.36 3.57 -27.25
CA ARG A 98 -1.92 3.75 -27.60
C ARG A 98 -1.36 4.90 -26.77
N CYS A 99 -1.52 4.81 -25.46
CA CYS A 99 -1.11 5.88 -24.51
C CYS A 99 -0.50 5.24 -23.26
N ARG A 100 0.05 6.09 -22.39
CA ARG A 100 0.42 5.72 -21.01
C ARG A 100 -0.80 5.92 -20.11
N VAL A 101 -0.93 5.10 -19.08
CA VAL A 101 -2.00 5.28 -18.07
C VAL A 101 -1.33 5.54 -16.73
N LEU A 102 -1.74 6.59 -16.03
CA LEU A 102 -1.36 6.79 -14.61
C LEU A 102 -2.51 6.25 -13.76
N LEU A 103 -2.26 5.15 -13.08
CA LEU A 103 -3.25 4.50 -12.18
C LEU A 103 -2.94 4.94 -10.75
N ILE A 104 -3.82 5.71 -10.11
CA ILE A 104 -3.50 6.30 -8.79
C ILE A 104 -4.18 5.52 -7.66
N ASP A 105 -3.51 5.48 -6.52
CA ASP A 105 -4.06 4.90 -5.28
C ASP A 105 -4.64 6.05 -4.45
N TYR A 106 -5.78 6.58 -4.87
CA TYR A 106 -6.47 7.67 -4.14
C TYR A 106 -6.95 7.13 -2.78
N ARG A 107 -7.06 8.04 -1.82
CA ARG A 107 -7.44 7.68 -0.43
C ARG A 107 -8.85 7.08 -0.42
N LEU A 108 -9.01 5.97 0.30
CA LEU A 108 -10.28 5.22 0.37
C LEU A 108 -10.98 5.43 1.71
N ALA A 109 -12.29 5.39 1.67
CA ALA A 109 -13.21 5.37 2.82
C ALA A 109 -13.33 3.94 3.29
N PRO A 110 -13.75 3.66 4.54
CA PRO A 110 -14.12 4.68 5.54
C PRO A 110 -12.95 5.42 6.22
N GLU A 111 -11.72 4.94 6.03
CA GLU A 111 -10.54 5.53 6.71
C GLU A 111 -10.42 7.01 6.32
N HIS A 112 -10.62 7.32 5.03
CA HIS A 112 -10.46 8.68 4.46
C HIS A 112 -11.73 9.05 3.70
N PRO A 113 -12.72 9.67 4.37
CA PRO A 113 -13.97 10.01 3.72
C PRO A 113 -13.82 11.12 2.67
N HIS A 114 -14.88 11.31 1.90
CA HIS A 114 -15.03 12.47 1.00
C HIS A 114 -14.66 13.72 1.80
N PRO A 115 -13.89 14.69 1.27
CA PRO A 115 -13.42 14.74 -0.12
C PRO A 115 -12.00 14.22 -0.43
N ALA A 116 -11.47 13.31 0.38
CA ALA A 116 -10.09 12.82 0.21
C ALA A 116 -9.87 12.32 -1.23
N ALA A 117 -10.78 11.51 -1.78
CA ALA A 117 -10.60 10.91 -3.12
C ALA A 117 -10.41 12.02 -4.17
N VAL A 118 -11.20 13.10 -4.07
N VAL A 118 -11.19 13.10 -4.07
CA VAL A 118 -11.21 14.21 -5.07
CA VAL A 118 -11.21 14.20 -5.08
C VAL A 118 -9.97 15.08 -4.85
C VAL A 118 -9.98 15.09 -4.86
N GLU A 119 -9.56 15.30 -3.61
CA GLU A 119 -8.27 15.98 -3.33
C GLU A 119 -7.14 15.21 -4.04
N ASP A 120 -7.15 13.88 -3.98
CA ASP A 120 -6.04 13.08 -4.56
C ASP A 120 -6.11 13.06 -6.08
N SER A 121 -7.29 12.90 -6.66
CA SER A 121 -7.42 12.85 -8.14
C SER A 121 -7.01 14.19 -8.74
N THR A 122 -7.44 15.30 -8.14
CA THR A 122 -7.07 16.65 -8.64
C THR A 122 -5.56 16.88 -8.45
N ARG A 123 -4.99 16.46 -7.32
N ARG A 123 -4.99 16.47 -7.31
CA ARG A 123 -3.53 16.62 -7.06
CA ARG A 123 -3.53 16.62 -7.04
C ARG A 123 -2.75 15.87 -8.13
C ARG A 123 -2.74 15.86 -8.13
N ALA A 124 -3.15 14.64 -8.46
CA ALA A 124 -2.43 13.82 -9.46
C ALA A 124 -2.50 14.51 -10.83
N TYR A 125 -3.64 15.05 -11.21
CA TYR A 125 -3.80 15.75 -12.51
C TYR A 125 -2.88 16.97 -12.53
N ARG A 126 -2.90 17.78 -11.47
CA ARG A 126 -2.07 19.01 -11.36
CA ARG A 126 -2.07 19.02 -11.42
C ARG A 126 -0.59 18.62 -11.45
N TRP A 127 -0.22 17.49 -10.84
CA TRP A 127 1.17 16.98 -10.87
C TRP A 127 1.56 16.62 -12.31
N LEU A 128 0.66 15.98 -13.07
CA LEU A 128 0.92 15.67 -14.49
C LEU A 128 1.23 16.97 -15.24
N LEU A 129 0.44 18.03 -15.01
CA LEU A 129 0.69 19.35 -15.68
C LEU A 129 2.06 19.89 -15.23
N GLU A 130 2.36 19.83 -13.93
CA GLU A 130 3.63 20.36 -13.36
C GLU A 130 4.82 19.69 -14.04
N THR A 131 4.71 18.41 -14.38
CA THR A 131 5.84 17.58 -14.89
C THR A 131 5.85 17.59 -16.42
N GLY A 132 4.96 18.38 -17.04
CA GLY A 132 5.03 18.76 -18.47
C GLY A 132 4.00 18.08 -19.36
N SER A 133 3.03 17.34 -18.81
CA SER A 133 1.94 16.73 -19.62
C SER A 133 1.07 17.86 -20.18
N ASP A 134 0.62 17.70 -21.42
CA ASP A 134 -0.22 18.71 -22.11
C ASP A 134 -1.68 18.29 -22.05
N PRO A 135 -2.59 19.15 -21.55
CA PRO A 135 -4.01 18.83 -21.48
C PRO A 135 -4.61 18.29 -22.80
N LYS A 136 -4.15 18.77 -23.95
CA LYS A 136 -4.76 18.33 -25.24
C LYS A 136 -4.31 16.91 -25.57
N ARG A 137 -3.39 16.33 -24.79
CA ARG A 137 -2.94 14.91 -24.95
CA ARG A 137 -2.90 14.92 -24.94
C ARG A 137 -3.30 14.10 -23.70
N MET A 138 -4.23 14.60 -22.89
N MET A 138 -4.23 14.60 -22.90
CA MET A 138 -4.63 13.94 -21.63
CA MET A 138 -4.64 13.93 -21.64
C MET A 138 -6.12 13.58 -21.66
C MET A 138 -6.13 13.58 -21.67
N ALA A 139 -6.52 12.67 -20.78
CA ALA A 139 -7.91 12.29 -20.55
C ALA A 139 -7.98 11.78 -19.13
N ILE A 140 -9.18 11.81 -18.55
CA ILE A 140 -9.46 11.20 -17.23
C ILE A 140 -10.50 10.11 -17.48
N ALA A 141 -10.30 8.93 -16.90
CA ALA A 141 -11.24 7.81 -17.09
C ALA A 141 -11.40 7.07 -15.77
N GLY A 142 -12.54 6.44 -15.58
CA GLY A 142 -12.76 5.63 -14.39
C GLY A 142 -14.01 4.81 -14.45
N ASP A 143 -14.07 3.77 -13.64
CA ASP A 143 -15.22 2.83 -13.60
C ASP A 143 -15.96 3.00 -12.28
N SER A 144 -17.29 2.98 -12.37
CA SER A 144 -18.20 2.93 -11.21
C SER A 144 -17.91 4.10 -10.27
N ALA A 145 -17.49 3.90 -9.02
CA ALA A 145 -17.12 5.04 -8.15
C ALA A 145 -16.08 5.92 -8.85
N GLY A 146 -15.12 5.33 -9.56
CA GLY A 146 -14.08 6.06 -10.30
C GLY A 146 -14.66 6.84 -11.48
N GLY A 147 -15.79 6.39 -12.03
CA GLY A 147 -16.52 7.14 -13.06
C GLY A 147 -17.16 8.38 -12.47
N GLY A 148 -17.77 8.26 -11.29
CA GLY A 148 -18.26 9.43 -10.55
C GLY A 148 -17.11 10.35 -10.21
N LEU A 149 -16.00 9.79 -9.75
CA LEU A 149 -14.82 10.59 -9.35
C LEU A 149 -14.26 11.31 -10.58
N THR A 150 -14.33 10.70 -11.76
CA THR A 150 -13.88 11.36 -13.02
C THR A 150 -14.66 12.67 -13.21
N VAL A 151 -15.99 12.61 -13.07
CA VAL A 151 -16.85 13.82 -13.28
C VAL A 151 -16.51 14.84 -12.20
N ALA A 152 -16.42 14.41 -10.93
CA ALA A 152 -16.11 15.32 -9.81
C ALA A 152 -14.73 15.97 -10.00
N THR A 153 -13.75 15.21 -10.46
CA THR A 153 -12.38 15.72 -10.70
C THR A 153 -12.45 16.84 -11.75
N LEU A 154 -13.17 16.60 -12.84
CA LEU A 154 -13.30 17.64 -13.91
C LEU A 154 -13.96 18.91 -13.34
N VAL A 155 -15.02 18.76 -12.57
CA VAL A 155 -15.74 19.92 -11.97
C VAL A 155 -14.76 20.68 -11.07
N ALA A 156 -14.06 19.99 -10.18
CA ALA A 156 -13.14 20.64 -9.22
C ALA A 156 -11.98 21.32 -9.96
N LEU A 157 -11.41 20.68 -10.98
CA LEU A 157 -10.32 21.29 -11.78
C LEU A 157 -10.82 22.56 -12.46
N ARG A 158 -12.00 22.49 -13.09
CA ARG A 158 -12.59 23.63 -13.81
C ARG A 158 -12.76 24.81 -12.83
N ASP A 159 -13.30 24.53 -11.65
CA ASP A 159 -13.62 25.57 -10.63
C ASP A 159 -12.33 26.20 -10.11
N ALA A 160 -11.21 25.49 -10.17
CA ALA A 160 -9.88 25.97 -9.72
C ALA A 160 -9.14 26.69 -10.85
N GLY A 161 -9.75 26.83 -12.03
CA GLY A 161 -9.10 27.47 -13.20
C GLY A 161 -8.01 26.62 -13.81
N VAL A 162 -8.02 25.31 -13.59
CA VAL A 162 -7.00 24.38 -14.17
C VAL A 162 -7.46 23.98 -15.57
N PRO A 163 -6.56 24.00 -16.59
CA PRO A 163 -6.94 23.56 -17.94
C PRO A 163 -7.43 22.11 -17.95
N LEU A 164 -8.58 21.88 -18.57
CA LEU A 164 -9.24 20.55 -18.61
C LEU A 164 -8.63 19.72 -19.73
N PRO A 165 -8.71 18.38 -19.61
CA PRO A 165 -8.15 17.51 -20.64
C PRO A 165 -9.02 17.45 -21.89
N ALA A 166 -8.52 16.75 -22.91
CA ALA A 166 -9.17 16.63 -24.23
C ALA A 166 -10.50 15.90 -24.14
N ALA A 167 -10.62 14.96 -23.21
CA ALA A 167 -11.81 14.08 -23.15
C ALA A 167 -11.84 13.34 -21.82
N ALA A 168 -12.97 12.71 -21.52
CA ALA A 168 -13.11 11.88 -20.32
C ALA A 168 -14.01 10.69 -20.62
N VAL A 169 -13.80 9.62 -19.85
CA VAL A 169 -14.52 8.34 -20.07
C VAL A 169 -15.04 7.83 -18.73
N CYS A 170 -16.32 7.47 -18.68
CA CYS A 170 -17.00 6.92 -17.48
C CYS A 170 -17.53 5.54 -17.82
N LEU A 171 -17.10 4.52 -17.07
CA LEU A 171 -17.54 3.12 -17.27
C LEU A 171 -18.51 2.78 -16.13
N SER A 172 -19.80 2.64 -16.42
CA SER A 172 -20.84 2.35 -15.42
C SER A 172 -20.71 3.29 -14.23
N PRO A 173 -20.67 4.63 -14.43
CA PRO A 173 -20.42 5.55 -13.31
C PRO A 173 -21.47 5.49 -12.21
N TRP A 174 -21.01 5.69 -10.98
CA TRP A 174 -21.87 5.82 -9.78
C TRP A 174 -21.93 7.30 -9.39
N VAL A 175 -23.06 7.96 -9.64
CA VAL A 175 -23.21 9.42 -9.41
C VAL A 175 -24.39 9.74 -8.49
N ASP A 176 -25.22 8.76 -8.15
CA ASP A 176 -26.40 8.92 -7.24
C ASP A 176 -26.12 8.09 -6.00
N LEU A 177 -25.72 8.73 -4.90
CA LEU A 177 -25.31 8.01 -3.67
C LEU A 177 -26.54 7.61 -2.85
N GLU A 178 -27.76 7.93 -3.29
CA GLU A 178 -29.01 7.52 -2.59
C GLU A 178 -29.67 6.32 -3.26
N GLY A 179 -29.23 5.92 -4.45
CA GLY A 179 -29.82 4.76 -5.17
C GLY A 179 -31.31 4.95 -5.42
N ILE A 180 -31.70 6.09 -6.00
CA ILE A 180 -33.13 6.43 -6.25
C ILE A 180 -33.44 6.41 -7.76
N GLY A 181 -32.52 5.96 -8.62
CA GLY A 181 -32.80 5.74 -10.05
C GLY A 181 -33.83 4.63 -10.20
N GLU A 182 -34.68 4.71 -11.23
CA GLU A 182 -35.71 3.67 -11.49
C GLU A 182 -35.04 2.28 -11.61
N SER A 183 -33.89 2.19 -12.29
CA SER A 183 -33.22 0.90 -12.56
C SER A 183 -32.73 0.24 -11.27
N MET A 184 -32.57 1.00 -10.18
CA MET A 184 -32.14 0.43 -8.88
C MET A 184 -33.21 -0.57 -8.41
N THR A 185 -34.46 -0.38 -8.86
N THR A 185 -34.47 -0.38 -8.85
CA THR A 185 -35.60 -1.30 -8.59
CA THR A 185 -35.59 -1.32 -8.59
C THR A 185 -35.76 -2.25 -9.79
C THR A 185 -35.74 -2.27 -9.79
N THR A 186 -35.87 -1.73 -11.00
CA THR A 186 -36.31 -2.50 -12.20
C THR A 186 -35.23 -3.43 -12.72
N LYS A 187 -33.94 -3.19 -12.42
CA LYS A 187 -32.84 -4.07 -12.91
C LYS A 187 -32.26 -4.88 -11.76
N ALA A 188 -32.85 -4.82 -10.56
CA ALA A 188 -32.33 -5.55 -9.37
C ALA A 188 -32.26 -7.06 -9.65
N ALA A 189 -33.21 -7.61 -10.41
CA ALA A 189 -33.31 -9.07 -10.67
C ALA A 189 -32.24 -9.54 -11.66
N VAL A 190 -31.60 -8.64 -12.42
CA VAL A 190 -30.63 -9.04 -13.48
C VAL A 190 -29.21 -8.55 -13.17
N ASP A 191 -29.00 -7.81 -12.07
CA ASP A 191 -27.66 -7.28 -11.72
C ASP A 191 -27.01 -8.22 -10.73
N PRO A 192 -25.96 -8.98 -11.13
CA PRO A 192 -25.34 -9.94 -10.20
C PRO A 192 -24.28 -9.33 -9.28
N MET A 193 -24.07 -8.01 -9.35
CA MET A 193 -22.96 -7.39 -8.58
C MET A 193 -23.45 -6.24 -7.71
N VAL A 194 -24.26 -5.33 -8.24
CA VAL A 194 -24.63 -4.07 -7.55
C VAL A 194 -26.10 -4.14 -7.12
N GLN A 195 -26.35 -3.87 -5.85
CA GLN A 195 -27.73 -3.77 -5.30
C GLN A 195 -27.76 -2.56 -4.37
N ARG A 196 -28.95 -2.12 -3.99
CA ARG A 196 -29.09 -0.87 -3.24
C ARG A 196 -28.42 -0.98 -1.86
N GLU A 197 -28.58 -2.09 -1.14
CA GLU A 197 -28.10 -2.19 0.26
C GLU A 197 -26.58 -1.99 0.31
N PRO A 198 -25.75 -2.74 -0.45
CA PRO A 198 -24.30 -2.51 -0.43
C PRO A 198 -23.91 -1.11 -0.93
N LEU A 199 -24.62 -0.57 -1.91
CA LEU A 199 -24.34 0.80 -2.41
CA LEU A 199 -24.40 0.81 -2.42
C LEU A 199 -24.54 1.80 -1.26
N LEU A 200 -25.64 1.70 -0.51
CA LEU A 200 -25.87 2.66 0.60
C LEU A 200 -24.82 2.46 1.70
N ARG A 201 -24.37 1.22 1.93
CA ARG A 201 -23.31 0.91 2.93
C ARG A 201 -22.03 1.68 2.56
N MET A 202 -21.64 1.61 1.28
CA MET A 202 -20.40 2.25 0.83
C MET A 202 -20.59 3.78 0.80
N ALA A 203 -21.76 4.26 0.38
CA ALA A 203 -22.05 5.71 0.37
C ALA A 203 -21.91 6.26 1.80
N SER A 204 -22.41 5.52 2.80
CA SER A 204 -22.31 5.94 4.22
C SER A 204 -20.84 6.12 4.62
N MET A 205 -20.00 5.17 4.23
N MET A 205 -20.00 5.17 4.23
CA MET A 205 -18.55 5.22 4.58
CA MET A 205 -18.54 5.18 4.56
C MET A 205 -17.88 6.41 3.89
C MET A 205 -17.88 6.40 3.88
N TYR A 206 -18.23 6.67 2.63
CA TYR A 206 -17.62 7.79 1.86
C TYR A 206 -18.11 9.14 2.39
N LEU A 207 -19.40 9.26 2.69
CA LEU A 207 -20.03 10.57 3.03
C LEU A 207 -19.75 10.96 4.49
N ALA A 208 -19.63 10.00 5.40
CA ALA A 208 -19.36 10.27 6.82
C ALA A 208 -20.34 11.34 7.34
N GLY A 209 -21.62 11.17 7.04
CA GLY A 209 -22.70 12.06 7.55
C GLY A 209 -22.92 13.30 6.70
N GLN A 210 -22.12 13.54 5.66
CA GLN A 210 -22.33 14.68 4.72
C GLN A 210 -23.58 14.41 3.87
N ASP A 211 -24.18 15.50 3.39
CA ASP A 211 -25.38 15.48 2.52
C ASP A 211 -25.10 14.52 1.37
N PRO A 212 -25.96 13.51 1.10
CA PRO A 212 -25.69 12.58 -0.01
C PRO A 212 -25.80 13.24 -1.40
N ARG A 213 -26.24 14.49 -1.47
CA ARG A 213 -26.28 15.26 -2.74
C ARG A 213 -25.15 16.28 -2.79
N THR A 214 -24.16 16.19 -1.89
CA THR A 214 -22.91 16.96 -1.97
C THR A 214 -22.36 16.84 -3.39
N PRO A 215 -22.26 17.93 -4.17
CA PRO A 215 -21.95 17.83 -5.60
C PRO A 215 -20.67 17.08 -5.99
N LEU A 216 -19.57 17.23 -5.24
CA LEU A 216 -18.31 16.53 -5.64
C LEU A 216 -18.34 15.08 -5.17
N ALA A 217 -19.30 14.68 -4.34
CA ALA A 217 -19.49 13.26 -3.94
C ALA A 217 -20.50 12.60 -4.88
N ALA A 218 -21.51 13.35 -5.33
CA ALA A 218 -22.65 12.86 -6.12
C ALA A 218 -22.83 13.82 -7.29
N PRO A 219 -22.00 13.70 -8.35
CA PRO A 219 -21.99 14.71 -9.42
C PRO A 219 -23.25 14.80 -10.29
N LEU A 220 -24.26 13.98 -10.04
CA LEU A 220 -25.62 14.20 -10.56
C LEU A 220 -26.10 15.59 -10.11
N TYR A 221 -25.55 16.15 -9.04
CA TYR A 221 -25.97 17.45 -8.46
C TYR A 221 -24.93 18.53 -8.72
N ALA A 222 -23.89 18.23 -9.51
CA ALA A 222 -22.79 19.17 -9.79
C ALA A 222 -23.11 20.02 -11.02
N ASP A 223 -22.48 21.18 -11.09
CA ASP A 223 -22.53 22.06 -12.29
C ASP A 223 -21.55 21.51 -13.32
N LEU A 224 -22.06 21.01 -14.45
CA LEU A 224 -21.23 20.28 -15.43
C LEU A 224 -20.84 21.16 -16.63
N ARG A 225 -21.18 22.45 -16.61
N ARG A 225 -21.18 22.45 -16.62
CA ARG A 225 -20.93 23.33 -17.77
CA ARG A 225 -20.94 23.34 -17.79
C ARG A 225 -19.41 23.43 -18.01
C ARG A 225 -19.43 23.45 -18.02
N GLY A 226 -18.99 23.33 -19.28
CA GLY A 226 -17.59 23.49 -19.68
C GLY A 226 -16.79 22.21 -19.62
N LEU A 227 -17.40 21.08 -19.29
CA LEU A 227 -16.65 19.79 -19.30
C LEU A 227 -16.32 19.41 -20.73
N PRO A 228 -15.20 18.68 -20.93
CA PRO A 228 -14.79 18.22 -22.25
C PRO A 228 -15.65 17.04 -22.72
N PRO A 229 -15.50 16.60 -23.99
CA PRO A 229 -16.27 15.49 -24.51
C PRO A 229 -16.19 14.25 -23.60
N LEU A 230 -17.35 13.67 -23.34
CA LEU A 230 -17.53 12.57 -22.35
CA LEU A 230 -17.54 12.59 -22.35
C LEU A 230 -18.07 11.34 -23.07
N LEU A 231 -17.42 10.20 -22.90
CA LEU A 231 -17.98 8.89 -23.29
C LEU A 231 -18.49 8.21 -22.02
N ILE A 232 -19.76 7.85 -21.98
CA ILE A 232 -20.34 7.04 -20.88
C ILE A 232 -20.71 5.67 -21.45
N GLN A 233 -20.03 4.61 -21.01
CA GLN A 233 -20.40 3.21 -21.37
C GLN A 233 -21.14 2.61 -20.18
N VAL A 234 -22.25 1.94 -20.42
CA VAL A 234 -23.06 1.34 -19.33
C VAL A 234 -23.76 0.10 -19.88
N GLY A 235 -24.00 -0.89 -19.04
CA GLY A 235 -24.75 -2.10 -19.42
C GLY A 235 -26.20 -1.94 -19.09
N THR A 236 -27.10 -2.57 -19.85
CA THR A 236 -28.55 -2.47 -19.58
C THR A 236 -28.94 -3.43 -18.46
N ALA A 237 -28.10 -4.41 -18.09
CA ALA A 237 -28.38 -5.33 -16.96
C ALA A 237 -27.71 -4.77 -15.70
N GLU A 238 -27.99 -3.51 -15.40
CA GLU A 238 -27.31 -2.75 -14.32
C GLU A 238 -28.34 -1.97 -13.52
N THR A 239 -28.32 -2.12 -12.20
CA THR A 239 -29.05 -1.21 -11.29
C THR A 239 -28.53 0.22 -11.48
N LEU A 240 -27.27 0.39 -11.88
CA LEU A 240 -26.69 1.75 -12.10
C LEU A 240 -26.98 2.27 -13.51
N LEU A 241 -27.82 1.59 -14.32
CA LEU A 241 -28.13 2.10 -15.68
C LEU A 241 -28.60 3.56 -15.59
N ASP A 242 -29.53 3.86 -14.69
CA ASP A 242 -30.12 5.23 -14.64
C ASP A 242 -29.14 6.25 -14.08
N ASP A 243 -28.06 5.83 -13.41
CA ASP A 243 -26.97 6.78 -13.08
C ASP A 243 -26.38 7.34 -14.38
N SER A 244 -26.12 6.48 -15.35
CA SER A 244 -25.54 6.89 -16.65
C SER A 244 -26.57 7.73 -17.43
N VAL A 245 -27.83 7.31 -17.44
CA VAL A 245 -28.89 8.01 -18.21
C VAL A 245 -29.05 9.43 -17.64
N ARG A 246 -29.12 9.56 -16.32
CA ARG A 246 -29.29 10.88 -15.67
C ARG A 246 -28.03 11.72 -15.85
N LEU A 247 -26.84 11.12 -15.79
CA LEU A 247 -25.59 11.89 -16.00
C LEU A 247 -25.58 12.46 -17.43
N ALA A 248 -25.95 11.65 -18.41
CA ALA A 248 -26.01 12.07 -19.83
C ALA A 248 -26.99 13.24 -19.97
N GLU A 249 -28.17 13.12 -19.39
CA GLU A 249 -29.20 14.19 -19.42
C GLU A 249 -28.59 15.48 -18.84
N ARG A 250 -27.96 15.39 -17.66
CA ARG A 250 -27.43 16.59 -16.98
C ARG A 250 -26.28 17.20 -17.78
N ALA A 251 -25.37 16.38 -18.29
CA ALA A 251 -24.21 16.89 -19.06
C ALA A 251 -24.70 17.55 -20.37
N ARG A 252 -25.65 16.93 -21.06
CA ARG A 252 -26.20 17.52 -22.32
C ARG A 252 -26.88 18.86 -22.02
N ALA A 253 -27.64 18.94 -20.92
CA ALA A 253 -28.32 20.19 -20.52
C ALA A 253 -27.30 21.28 -20.22
N ALA A 254 -26.07 20.89 -19.84
CA ALA A 254 -24.95 21.80 -19.51
C ALA A 254 -24.10 22.12 -20.75
N GLY A 255 -24.49 21.63 -21.94
CA GLY A 255 -23.80 21.92 -23.21
C GLY A 255 -22.57 21.05 -23.45
N VAL A 256 -22.42 19.95 -22.70
CA VAL A 256 -21.26 19.03 -22.84
C VAL A 256 -21.51 18.10 -24.03
N GLN A 257 -20.47 17.79 -24.80
N GLN A 257 -20.48 17.85 -24.84
CA GLN A 257 -20.49 16.80 -25.92
CA GLN A 257 -20.55 16.81 -25.90
C GLN A 257 -20.46 15.38 -25.37
C GLN A 257 -20.50 15.47 -25.15
N VAL A 258 -21.64 14.82 -25.04
CA VAL A 258 -21.80 13.51 -24.35
C VAL A 258 -22.12 12.43 -25.38
N THR A 259 -21.43 11.30 -25.30
CA THR A 259 -21.84 10.05 -25.96
C THR A 259 -22.28 9.08 -24.87
N LEU A 260 -23.57 8.72 -24.83
CA LEU A 260 -24.08 7.64 -23.95
C LEU A 260 -24.19 6.35 -24.76
N GLU A 261 -23.42 5.33 -24.40
CA GLU A 261 -23.35 4.02 -25.09
C GLU A 261 -23.92 2.93 -24.19
N PRO A 262 -25.20 2.56 -24.32
CA PRO A 262 -25.78 1.46 -23.55
C PRO A 262 -25.55 0.14 -24.27
N TRP A 263 -24.87 -0.79 -23.60
CA TRP A 263 -24.53 -2.12 -24.14
C TRP A 263 -25.58 -3.12 -23.65
N GLU A 264 -26.40 -3.63 -24.57
CA GLU A 264 -27.52 -4.54 -24.26
C GLU A 264 -27.03 -5.76 -23.48
N ASP A 265 -27.67 -5.99 -22.33
CA ASP A 265 -27.51 -7.19 -21.45
C ASP A 265 -26.18 -7.15 -20.68
N MET A 266 -25.33 -6.15 -20.87
CA MET A 266 -24.01 -6.14 -20.19
C MET A 266 -24.21 -5.80 -18.71
N ILE A 267 -23.32 -6.36 -17.89
CA ILE A 267 -23.32 -6.20 -16.41
C ILE A 267 -22.24 -5.18 -16.03
N HIS A 268 -22.23 -4.80 -14.76
CA HIS A 268 -21.41 -3.70 -14.20
C HIS A 268 -19.93 -3.88 -14.54
N VAL A 269 -19.33 -2.86 -15.17
CA VAL A 269 -17.89 -2.83 -15.54
C VAL A 269 -17.53 -4.18 -16.19
N TRP A 270 -18.34 -4.59 -17.16
CA TRP A 270 -18.10 -5.81 -17.97
C TRP A 270 -16.73 -5.75 -18.66
N GLN A 271 -16.21 -4.55 -18.92
CA GLN A 271 -14.88 -4.33 -19.55
C GLN A 271 -13.78 -5.03 -18.73
N ALA A 272 -13.95 -5.14 -17.42
CA ALA A 272 -12.94 -5.76 -16.52
C ALA A 272 -12.79 -7.26 -16.86
N PHE A 273 -13.77 -7.85 -17.54
CA PHE A 273 -13.81 -9.30 -17.86
C PHE A 273 -13.41 -9.56 -19.32
N ALA A 274 -12.74 -8.60 -19.96
CA ALA A 274 -12.37 -8.62 -21.40
C ALA A 274 -11.54 -9.86 -21.74
N ALA A 275 -10.79 -10.45 -20.81
CA ALA A 275 -9.99 -11.67 -21.08
C ALA A 275 -10.90 -12.81 -21.56
N MET A 276 -12.15 -12.86 -21.09
CA MET A 276 -13.10 -13.98 -21.32
C MET A 276 -14.37 -13.50 -22.05
N LEU A 277 -14.68 -12.21 -22.01
CA LEU A 277 -15.97 -11.68 -22.50
C LEU A 277 -15.75 -10.84 -23.75
N PRO A 278 -16.20 -11.31 -24.93
CA PRO A 278 -15.97 -10.56 -26.17
C PRO A 278 -16.42 -9.09 -26.09
N GLU A 279 -17.60 -8.84 -25.49
CA GLU A 279 -18.15 -7.47 -25.39
C GLU A 279 -17.23 -6.61 -24.51
N GLY A 280 -16.50 -7.21 -23.56
CA GLY A 280 -15.54 -6.44 -22.75
C GLY A 280 -14.44 -5.88 -23.62
N GLN A 281 -13.83 -6.72 -24.47
CA GLN A 281 -12.73 -6.25 -25.35
C GLN A 281 -13.31 -5.29 -26.41
N GLN A 282 -14.51 -5.57 -26.95
CA GLN A 282 -15.14 -4.66 -27.94
C GLN A 282 -15.30 -3.27 -27.32
N ALA A 283 -15.76 -3.20 -26.07
CA ALA A 283 -16.02 -1.91 -25.40
C ALA A 283 -14.69 -1.18 -25.17
N ILE A 284 -13.61 -1.89 -24.81
CA ILE A 284 -12.29 -1.24 -24.59
C ILE A 284 -11.75 -0.72 -25.93
N GLU A 285 -11.95 -1.45 -27.02
CA GLU A 285 -11.52 -0.94 -28.36
C GLU A 285 -12.24 0.38 -28.64
N ARG A 286 -13.52 0.47 -28.29
CA ARG A 286 -14.33 1.70 -28.49
C ARG A 286 -13.75 2.84 -27.63
N ILE A 287 -13.37 2.56 -26.38
CA ILE A 287 -12.72 3.58 -25.52
C ILE A 287 -11.47 4.11 -26.23
N GLY A 288 -10.63 3.22 -26.74
CA GLY A 288 -9.41 3.63 -27.46
C GLY A 288 -9.72 4.49 -28.66
N GLU A 289 -10.72 4.10 -29.46
CA GLU A 289 -11.14 4.87 -30.67
C GLU A 289 -11.56 6.29 -30.22
N PHE A 290 -12.38 6.38 -29.18
CA PHE A 290 -12.92 7.66 -28.69
C PHE A 290 -11.76 8.56 -28.26
N LEU A 291 -10.83 8.04 -27.49
CA LEU A 291 -9.68 8.84 -26.99
C LEU A 291 -8.81 9.29 -28.16
N ARG A 292 -8.45 8.38 -29.07
CA ARG A 292 -7.56 8.72 -30.20
C ARG A 292 -8.25 9.78 -31.08
N GLN A 293 -9.57 9.72 -31.24
CA GLN A 293 -10.32 10.72 -32.04
C GLN A 293 -10.17 12.12 -31.40
N HIS A 294 -10.24 12.22 -30.07
CA HIS A 294 -10.19 13.53 -29.36
C HIS A 294 -8.75 14.02 -29.17
N TRP A 295 -7.75 13.18 -29.41
CA TRP A 295 -6.32 13.59 -29.38
C TRP A 295 -5.82 13.98 -30.79
N GLN A 296 -6.54 13.61 -31.85
CA GLN A 296 -6.26 13.98 -33.26
C GLN A 296 -6.16 15.50 -33.39
N ALA B 2 6.62 7.80 32.97
CA ALA B 2 7.41 8.06 31.74
C ALA B 2 7.36 9.56 31.40
N SER B 3 8.23 10.00 30.49
CA SER B 3 8.27 11.39 29.96
C SER B 3 6.89 11.81 29.45
N GLU B 4 6.57 13.11 29.51
CA GLU B 4 5.29 13.64 28.98
C GLU B 4 5.23 13.40 27.46
N ALA B 5 6.40 13.36 26.80
CA ALA B 5 6.50 13.09 25.34
C ALA B 5 5.81 11.75 25.01
N LEU B 6 5.92 10.76 25.89
CA LEU B 6 5.33 9.43 25.59
C LEU B 6 3.81 9.59 25.42
N THR B 7 3.14 10.30 26.32
CA THR B 7 1.66 10.43 26.29
C THR B 7 1.27 11.12 24.97
N MET B 8 2.02 12.13 24.57
CA MET B 8 1.71 12.88 23.33
C MET B 8 1.96 12.00 22.12
N ILE B 9 3.03 11.21 22.09
CA ILE B 9 3.32 10.30 20.94
C ILE B 9 2.22 9.26 20.85
N VAL B 10 1.79 8.69 21.97
CA VAL B 10 0.69 7.68 21.97
C VAL B 10 -0.54 8.33 21.34
N ASN B 11 -0.89 9.54 21.76
CA ASN B 11 -2.08 10.26 21.25
C ASN B 11 -1.96 10.42 19.73
N LEU B 12 -0.82 10.93 19.26
CA LEU B 12 -0.63 11.18 17.82
C LEU B 12 -0.71 9.85 17.05
N LEU B 13 -0.12 8.76 17.54
CA LEU B 13 -0.15 7.45 16.84
C LEU B 13 -1.59 6.91 16.79
N ARG B 14 -2.37 7.10 17.83
CA ARG B 14 -3.78 6.63 17.86
C ARG B 14 -4.60 7.35 16.77
N SER B 15 -4.19 8.54 16.36
CA SER B 15 -4.84 9.31 15.27
C SER B 15 -4.30 8.92 13.89
N GLN B 16 -2.98 8.77 13.76
N GLN B 16 -2.99 8.67 13.80
CA GLN B 16 -2.32 8.43 12.47
CA GLN B 16 -2.28 8.42 12.53
C GLN B 16 -2.69 7.00 12.06
C GLN B 16 -2.53 6.99 12.04
N ARG B 17 -2.60 6.03 12.98
CA ARG B 17 -2.93 4.61 12.70
C ARG B 17 -2.23 4.10 11.43
N PRO B 18 -0.88 4.17 11.36
CA PRO B 18 -0.20 3.89 10.10
C PRO B 18 -0.44 2.48 9.54
N LEU B 19 -0.61 1.48 10.41
CA LEU B 19 -0.78 0.07 9.97
C LEU B 19 -2.24 -0.21 9.59
N GLN B 20 -3.14 0.77 9.69
CA GLN B 20 -4.57 0.60 9.36
C GLN B 20 -4.94 1.31 8.04
N GLU B 21 -3.97 1.75 7.23
CA GLU B 21 -4.28 2.39 5.92
C GLU B 21 -4.90 1.36 4.99
N PRO B 22 -5.83 1.78 4.10
CA PRO B 22 -6.65 0.85 3.33
C PRO B 22 -5.93 0.06 2.23
N THR B 23 -4.78 0.53 1.76
CA THR B 23 -3.97 -0.17 0.73
C THR B 23 -2.51 -0.21 1.14
N VAL B 24 -1.76 -1.12 0.54
CA VAL B 24 -0.29 -1.25 0.74
C VAL B 24 0.38 0.10 0.42
N GLU B 25 0.03 0.74 -0.70
CA GLU B 25 0.71 1.98 -1.13
C GLU B 25 0.39 3.10 -0.14
N GLN B 26 -0.82 3.14 0.43
N GLN B 26 -0.83 3.18 0.37
CA GLN B 26 -1.21 4.18 1.42
CA GLN B 26 -1.21 4.18 1.41
C GLN B 26 -0.49 3.91 2.76
C GLN B 26 -0.40 3.91 2.67
N MET B 27 -0.29 2.64 3.11
CA MET B 27 0.51 2.27 4.30
C MET B 27 1.95 2.71 4.09
N ARG B 28 2.51 2.46 2.92
CA ARG B 28 3.92 2.84 2.63
C ARG B 28 4.07 4.36 2.72
N ALA B 29 3.18 5.11 2.07
CA ALA B 29 3.21 6.58 2.04
C ALA B 29 3.04 7.14 3.46
N GLY B 30 2.14 6.54 4.26
CA GLY B 30 1.89 6.95 5.65
C GLY B 30 3.14 6.84 6.50
N LEU B 31 3.89 5.75 6.39
CA LEU B 31 5.13 5.59 7.19
C LEU B 31 6.19 6.59 6.70
N GLU B 32 6.29 6.82 5.39
CA GLU B 32 7.24 7.83 4.85
C GLU B 32 6.90 9.21 5.43
N ALA B 33 5.62 9.57 5.52
CA ALA B 33 5.18 10.87 6.06
C ALA B 33 5.61 11.00 7.54
N MET B 34 5.44 9.93 8.31
N MET B 34 5.41 9.94 8.34
CA MET B 34 5.75 9.89 9.76
CA MET B 34 5.80 9.93 9.77
C MET B 34 7.27 10.03 9.96
C MET B 34 7.30 10.15 9.88
N ALA B 35 8.09 9.37 9.13
CA ALA B 35 9.56 9.39 9.24
C ALA B 35 10.09 10.82 9.03
N GLN B 36 9.45 11.61 8.18
CA GLN B 36 9.84 13.03 7.88
C GLN B 36 9.78 13.91 9.14
N MET B 37 9.11 13.45 10.20
N MET B 37 9.07 13.47 10.19
CA MET B 37 8.94 14.23 11.45
CA MET B 37 8.92 14.20 11.49
C MET B 37 10.20 14.15 12.33
C MET B 37 10.28 14.29 12.20
N SER B 38 11.20 13.35 11.92
CA SER B 38 12.53 13.25 12.57
C SER B 38 13.61 13.60 11.54
N PRO B 39 13.94 14.90 11.34
CA PRO B 39 14.86 15.30 10.28
C PRO B 39 16.29 14.91 10.68
N LEU B 40 17.09 14.54 9.67
CA LEU B 40 18.46 14.00 9.80
C LEU B 40 19.42 15.11 10.23
N PRO B 41 20.29 14.87 11.25
CA PRO B 41 21.33 15.83 11.59
C PRO B 41 22.26 16.09 10.39
N ALA B 42 22.89 17.26 10.36
CA ALA B 42 23.73 17.75 9.23
C ALA B 42 24.97 16.86 9.04
N ASP B 43 25.44 16.15 10.08
CA ASP B 43 26.71 15.38 10.03
C ASP B 43 26.48 13.93 9.57
N VAL B 44 25.25 13.53 9.23
CA VAL B 44 24.97 12.16 8.72
C VAL B 44 25.30 12.11 7.22
N GLU B 45 26.06 11.10 6.80
CA GLU B 45 26.35 10.81 5.38
C GLU B 45 25.64 9.52 4.97
N LEU B 46 24.85 9.57 3.90
CA LEU B 46 24.19 8.39 3.27
C LEU B 46 24.81 8.17 1.89
N THR B 47 25.26 6.95 1.63
CA THR B 47 25.89 6.53 0.35
C THR B 47 25.15 5.30 -0.16
N THR B 48 24.44 5.42 -1.28
CA THR B 48 23.77 4.26 -1.92
C THR B 48 24.85 3.29 -2.38
N VAL B 49 24.58 1.99 -2.23
CA VAL B 49 25.54 0.91 -2.59
C VAL B 49 24.74 -0.30 -3.07
N ASP B 50 25.31 -1.04 -4.01
CA ASP B 50 24.83 -2.37 -4.42
C ASP B 50 25.49 -3.39 -3.50
N ALA B 51 24.76 -3.88 -2.49
CA ALA B 51 25.28 -4.87 -1.52
C ALA B 51 25.13 -6.27 -2.09
N GLY B 52 25.93 -6.60 -3.12
CA GLY B 52 26.00 -7.94 -3.72
C GLY B 52 24.71 -8.31 -4.44
N GLY B 53 23.99 -7.34 -5.00
CA GLY B 53 22.73 -7.55 -5.74
C GLY B 53 21.54 -7.00 -5.00
N VAL B 54 21.72 -6.59 -3.74
CA VAL B 54 20.64 -6.00 -2.90
C VAL B 54 20.90 -4.50 -2.75
N PRO B 55 19.97 -3.61 -3.14
CA PRO B 55 20.20 -2.18 -2.98
C PRO B 55 20.25 -1.83 -1.50
N GLY B 56 21.17 -0.96 -1.15
CA GLY B 56 21.33 -0.52 0.25
C GLY B 56 21.91 0.86 0.32
N ALA B 57 22.15 1.32 1.54
CA ALA B 57 22.82 2.60 1.81
C ALA B 57 23.71 2.42 3.03
N TRP B 58 24.93 2.92 2.93
CA TRP B 58 25.81 3.17 4.09
C TRP B 58 25.27 4.37 4.85
N VAL B 59 25.11 4.23 6.17
CA VAL B 59 24.71 5.33 7.07
C VAL B 59 25.90 5.55 8.01
N ARG B 60 26.52 6.72 7.92
CA ARG B 60 27.81 7.00 8.60
C ARG B 60 27.71 8.35 9.29
N VAL B 61 28.35 8.46 10.45
CA VAL B 61 28.48 9.71 11.24
C VAL B 61 29.96 9.89 11.52
N PRO B 62 30.38 11.07 12.02
CA PRO B 62 31.81 11.32 12.28
C PRO B 62 32.51 10.23 13.12
N GLU B 63 31.82 9.65 14.10
CA GLU B 63 32.41 8.65 15.03
C GLU B 63 32.17 7.22 14.54
N SER B 64 31.66 7.01 13.32
CA SER B 64 31.58 5.68 12.68
C SER B 64 32.99 5.12 12.46
N ASP B 65 33.35 4.04 13.13
CA ASP B 65 34.56 3.26 12.82
C ASP B 65 34.18 2.24 11.76
N PRO B 66 34.75 2.28 10.53
CA PRO B 66 34.37 1.33 9.49
C PRO B 66 34.78 -0.12 9.77
N ASP B 67 35.61 -0.36 10.78
CA ASP B 67 35.95 -1.75 11.19
C ASP B 67 34.71 -2.45 11.74
N ARG B 68 33.75 -1.70 12.27
N ARG B 68 33.79 -1.67 12.35
CA ARG B 68 32.52 -2.28 12.86
CA ARG B 68 32.56 -2.14 13.07
C ARG B 68 31.36 -1.99 11.91
C ARG B 68 31.34 -1.91 12.17
N VAL B 69 30.52 -3.00 11.67
N VAL B 69 30.56 -2.96 11.89
CA VAL B 69 29.35 -2.80 10.77
CA VAL B 69 29.43 -2.89 10.93
C VAL B 69 28.14 -3.51 11.35
C VAL B 69 28.17 -3.45 11.59
N VAL B 70 27.03 -2.77 11.39
CA VAL B 70 25.70 -3.33 11.69
C VAL B 70 24.97 -3.45 10.35
N LEU B 71 24.52 -4.66 10.01
CA LEU B 71 23.53 -4.86 8.93
C LEU B 71 22.16 -4.59 9.54
N TYR B 72 21.48 -3.53 9.11
CA TYR B 72 20.20 -3.09 9.72
C TYR B 72 19.04 -3.50 8.81
N LEU B 73 18.08 -4.22 9.39
CA LEU B 73 16.89 -4.77 8.70
C LEU B 73 15.65 -4.04 9.21
N HIS B 74 15.11 -3.15 8.37
CA HIS B 74 14.02 -2.25 8.79
C HIS B 74 12.72 -3.03 9.02
N GLY B 75 11.88 -2.47 9.88
CA GLY B 75 10.53 -2.98 10.12
C GLY B 75 9.53 -2.48 9.08
N GLY B 76 8.27 -2.87 9.27
CA GLY B 76 7.19 -2.57 8.32
C GLY B 76 6.41 -3.80 7.91
N GLY B 77 6.36 -4.85 8.74
CA GLY B 77 5.47 -6.00 8.53
C GLY B 77 5.84 -6.83 7.31
N TYR B 78 7.05 -6.66 6.77
CA TYR B 78 7.56 -7.30 5.52
C TYR B 78 6.87 -6.70 4.29
N VAL B 79 6.13 -5.60 4.47
CA VAL B 79 5.29 -5.00 3.39
C VAL B 79 5.65 -3.53 3.17
N ILE B 80 6.03 -2.79 4.21
CA ILE B 80 6.32 -1.33 4.11
C ILE B 80 7.71 -1.04 4.66
N GLY B 81 8.09 0.24 4.65
CA GLY B 81 9.39 0.70 5.15
C GLY B 81 10.42 0.77 4.03
N SER B 82 11.50 1.49 4.29
CA SER B 82 12.51 1.81 3.26
C SER B 82 13.78 2.31 3.92
N ILE B 83 14.80 2.57 3.12
CA ILE B 83 16.01 3.29 3.59
C ILE B 83 15.56 4.63 4.19
N ARG B 84 14.62 5.33 3.57
CA ARG B 84 14.22 6.68 4.03
C ARG B 84 13.50 6.58 5.39
N THR B 85 12.66 5.56 5.62
CA THR B 85 11.87 5.50 6.88
C THR B 85 12.80 5.24 8.06
N HIS B 86 13.90 4.50 7.85
CA HIS B 86 14.72 3.97 8.97
C HIS B 86 16.12 4.60 9.02
N ARG B 87 16.44 5.57 8.17
CA ARG B 87 17.81 6.12 8.17
C ARG B 87 18.06 6.89 9.46
N ASP B 88 17.05 7.48 10.11
CA ASP B 88 17.28 8.20 11.39
C ASP B 88 17.63 7.20 12.50
N LEU B 89 16.88 6.09 12.61
CA LEU B 89 17.21 5.06 13.62
C LEU B 89 18.60 4.51 13.32
N ALA B 90 18.93 4.29 12.05
CA ALA B 90 20.24 3.75 11.63
C ALA B 90 21.35 4.71 12.08
N GLN B 91 21.20 6.02 11.85
CA GLN B 91 22.30 6.98 12.17
C GLN B 91 22.47 7.04 13.70
N ARG B 92 21.39 6.97 14.47
CA ARG B 92 21.48 7.01 15.95
C ARG B 92 22.24 5.78 16.43
N ILE B 93 21.98 4.61 15.85
CA ILE B 93 22.70 3.37 16.24
C ILE B 93 24.18 3.52 15.83
N ALA B 94 24.45 4.03 14.63
CA ALA B 94 25.83 4.25 14.13
C ALA B 94 26.60 5.13 15.14
N ARG B 95 25.94 6.16 15.64
CA ARG B 95 26.54 7.14 16.59
C ARG B 95 26.81 6.44 17.94
N ALA B 96 25.82 5.72 18.47
CA ALA B 96 25.91 5.09 19.82
C ALA B 96 26.91 3.94 19.81
N ALA B 97 26.95 3.14 18.74
CA ALA B 97 27.82 1.95 18.62
C ALA B 97 29.18 2.32 17.99
N ARG B 98 29.34 3.56 17.52
CA ARG B 98 30.56 4.06 16.85
C ARG B 98 30.91 3.12 15.69
N CYS B 99 29.93 2.85 14.82
CA CYS B 99 30.07 1.90 13.70
C CYS B 99 29.47 2.49 12.42
N ARG B 100 29.68 1.83 11.29
CA ARG B 100 28.88 2.15 10.08
C ARG B 100 27.73 1.15 10.00
N VAL B 101 26.62 1.61 9.44
CA VAL B 101 25.39 0.79 9.33
C VAL B 101 25.10 0.59 7.85
N LEU B 102 24.90 -0.66 7.43
CA LEU B 102 24.39 -0.98 6.09
C LEU B 102 22.89 -1.18 6.21
N LEU B 103 22.13 -0.25 5.65
CA LEU B 103 20.64 -0.27 5.69
C LEU B 103 20.17 -0.78 4.33
N ILE B 104 19.57 -1.96 4.26
CA ILE B 104 19.24 -2.56 2.94
C ILE B 104 17.77 -2.37 2.61
N ASP B 105 17.47 -2.20 1.32
N ASP B 105 17.52 -2.22 1.31
CA ASP B 105 16.06 -2.14 0.84
CA ASP B 105 16.17 -2.16 0.71
C ASP B 105 15.71 -3.53 0.32
C ASP B 105 15.79 -3.58 0.30
N TYR B 106 15.51 -4.48 1.26
CA TYR B 106 15.17 -5.88 0.97
C TYR B 106 13.79 -5.92 0.30
N ARG B 107 13.59 -6.96 -0.51
CA ARG B 107 12.34 -7.11 -1.30
C ARG B 107 11.15 -7.24 -0.36
N LEU B 108 10.08 -6.53 -0.69
CA LEU B 108 8.85 -6.44 0.13
C LEU B 108 7.71 -7.21 -0.51
N ALA B 109 6.83 -7.75 0.34
CA ALA B 109 5.53 -8.33 -0.03
C ALA B 109 4.53 -7.17 -0.20
N PRO B 110 3.42 -7.32 -0.95
CA PRO B 110 3.06 -8.58 -1.61
C PRO B 110 3.77 -8.86 -2.95
N GLU B 111 4.51 -7.89 -3.48
CA GLU B 111 5.20 -8.05 -4.79
C GLU B 111 6.17 -9.24 -4.71
N HIS B 112 6.89 -9.36 -3.59
CA HIS B 112 7.94 -10.40 -3.38
C HIS B 112 7.69 -11.10 -2.05
N PRO B 113 6.87 -12.18 -2.04
CA PRO B 113 6.60 -12.90 -0.81
C PRO B 113 7.85 -13.58 -0.22
N HIS B 114 7.70 -14.04 1.03
CA HIS B 114 8.67 -14.94 1.67
C HIS B 114 9.02 -16.04 0.67
N PRO B 115 10.31 -16.44 0.48
CA PRO B 115 11.46 -16.01 1.27
C PRO B 115 12.33 -14.87 0.70
N ALA B 116 11.79 -13.99 -0.14
CA ALA B 116 12.59 -12.95 -0.81
C ALA B 116 13.37 -12.13 0.25
N ALA B 117 12.73 -11.70 1.34
CA ALA B 117 13.38 -10.83 2.34
C ALA B 117 14.63 -11.52 2.90
N VAL B 118 14.54 -12.82 3.17
CA VAL B 118 15.63 -13.61 3.82
C VAL B 118 16.73 -13.89 2.79
N GLU B 119 16.36 -14.13 1.52
CA GLU B 119 17.37 -14.23 0.43
C GLU B 119 18.19 -12.94 0.41
N ASP B 120 17.55 -11.77 0.54
CA ASP B 120 18.26 -10.47 0.43
C ASP B 120 19.12 -10.22 1.67
N SER B 121 18.59 -10.47 2.86
CA SER B 121 19.36 -10.20 4.11
C SER B 121 20.60 -11.09 4.16
N THR B 122 20.47 -12.38 3.82
CA THR B 122 21.61 -13.31 3.81
C THR B 122 22.62 -12.88 2.74
N ARG B 123 22.15 -12.50 1.54
CA ARG B 123 23.05 -12.05 0.46
C ARG B 123 23.86 -10.84 0.92
N ALA B 124 23.23 -9.85 1.56
CA ALA B 124 23.92 -8.63 2.03
C ALA B 124 25.00 -9.00 3.05
N TYR B 125 24.69 -9.89 3.99
CA TYR B 125 25.67 -10.33 5.02
C TYR B 125 26.86 -11.01 4.34
N ARG B 126 26.58 -11.93 3.42
CA ARG B 126 27.68 -12.67 2.74
CA ARG B 126 27.62 -12.69 2.65
C ARG B 126 28.51 -11.69 1.90
N TRP B 127 27.89 -10.65 1.34
CA TRP B 127 28.64 -9.60 0.58
C TRP B 127 29.56 -8.83 1.52
N LEU B 128 29.11 -8.50 2.72
CA LEU B 128 29.98 -7.86 3.73
C LEU B 128 31.19 -8.75 4.01
N LEU B 129 31.01 -10.05 4.17
CA LEU B 129 32.16 -10.99 4.40
C LEU B 129 33.07 -10.99 3.17
N GLU B 130 32.50 -11.03 1.96
CA GLU B 130 33.27 -11.06 0.69
C GLU B 130 34.17 -9.82 0.58
N THR B 131 33.73 -8.68 1.10
CA THR B 131 34.43 -7.38 0.93
C THR B 131 35.34 -7.14 2.14
N GLY B 132 35.43 -8.10 3.07
CA GLY B 132 36.49 -8.15 4.10
C GLY B 132 36.01 -7.87 5.52
N SER B 133 34.70 -7.72 5.77
CA SER B 133 34.16 -7.52 7.13
C SER B 133 34.45 -8.76 7.98
N ASP B 134 34.80 -8.56 9.25
CA ASP B 134 35.08 -9.68 10.19
C ASP B 134 33.87 -9.91 11.08
N PRO B 135 33.34 -11.15 11.15
CA PRO B 135 32.21 -11.46 12.04
C PRO B 135 32.37 -10.95 13.48
N LYS B 136 33.59 -10.95 14.02
CA LYS B 136 33.86 -10.50 15.42
C LYS B 136 33.56 -9.00 15.58
N ARG B 137 33.45 -8.26 14.47
CA ARG B 137 33.20 -6.79 14.48
C ARG B 137 31.88 -6.49 13.76
N MET B 138 31.00 -7.47 13.65
CA MET B 138 29.72 -7.30 12.93
C MET B 138 28.54 -7.58 13.88
N ALA B 139 27.37 -7.09 13.50
CA ALA B 139 26.10 -7.40 14.15
C ALA B 139 25.00 -7.30 13.11
N ILE B 140 23.90 -7.98 13.36
CA ILE B 140 22.65 -7.81 12.58
C ILE B 140 21.61 -7.26 13.56
N ALA B 141 20.88 -6.23 13.14
CA ALA B 141 19.88 -5.59 14.01
C ALA B 141 18.64 -5.27 13.17
N GLY B 142 17.50 -5.27 13.82
CA GLY B 142 16.26 -4.90 13.13
C GLY B 142 15.11 -4.70 14.09
N ASP B 143 14.11 -3.96 13.62
CA ASP B 143 12.91 -3.63 14.40
C ASP B 143 11.70 -4.35 13.83
N SER B 144 10.88 -4.91 14.72
CA SER B 144 9.55 -5.48 14.39
C SER B 144 9.72 -6.57 13.32
N ALA B 145 9.16 -6.46 12.12
CA ALA B 145 9.38 -7.49 11.06
C ALA B 145 10.89 -7.67 10.85
N GLY B 146 11.67 -6.60 10.90
CA GLY B 146 13.12 -6.67 10.74
C GLY B 146 13.81 -7.36 11.91
N GLY B 147 13.20 -7.33 13.09
CA GLY B 147 13.67 -8.11 14.25
C GLY B 147 13.47 -9.60 14.01
N GLY B 148 12.30 -9.99 13.49
CA GLY B 148 12.09 -11.38 13.05
C GLY B 148 13.05 -11.74 11.94
N LEU B 149 13.25 -10.84 10.98
CA LEU B 149 14.15 -11.12 9.83
C LEU B 149 15.58 -11.29 10.34
N THR B 150 15.98 -10.56 11.37
CA THR B 150 17.33 -10.69 11.99
C THR B 150 17.51 -12.15 12.45
N VAL B 151 16.53 -12.69 13.18
CA VAL B 151 16.64 -14.07 13.72
C VAL B 151 16.67 -15.06 12.55
N ALA B 152 15.76 -14.91 11.58
CA ALA B 152 15.70 -15.82 10.42
C ALA B 152 17.01 -15.77 9.62
N THR B 153 17.61 -14.59 9.47
CA THR B 153 18.88 -14.42 8.73
C THR B 153 19.97 -15.22 9.44
N LEU B 154 20.04 -15.12 10.77
CA LEU B 154 21.06 -15.87 11.55
C LEU B 154 20.85 -17.39 11.36
N VAL B 155 19.61 -17.86 11.42
CA VAL B 155 19.32 -19.31 11.27
C VAL B 155 19.76 -19.76 9.87
N ALA B 156 19.38 -19.03 8.83
CA ALA B 156 19.71 -19.39 7.44
C ALA B 156 21.22 -19.37 7.23
N LEU B 157 21.92 -18.35 7.74
CA LEU B 157 23.39 -18.27 7.61
C LEU B 157 24.03 -19.48 8.29
N ARG B 158 23.61 -19.79 9.51
N ARG B 158 23.64 -19.81 9.53
CA ARG B 158 24.17 -20.93 10.29
CA ARG B 158 24.26 -20.96 10.24
C ARG B 158 23.97 -22.24 9.53
C ARG B 158 24.02 -22.22 9.40
N ASP B 159 22.79 -22.44 8.93
CA ASP B 159 22.46 -23.69 8.19
C ASP B 159 23.35 -23.81 6.94
N ALA B 160 23.80 -22.68 6.39
CA ALA B 160 24.73 -22.62 5.24
C ALA B 160 26.20 -22.70 5.70
N GLY B 161 26.48 -22.81 7.00
CA GLY B 161 27.84 -22.92 7.54
C GLY B 161 28.58 -21.59 7.58
N VAL B 162 27.86 -20.47 7.42
CA VAL B 162 28.47 -19.11 7.40
C VAL B 162 28.67 -18.64 8.84
N PRO B 163 29.88 -18.12 9.20
CA PRO B 163 30.13 -17.64 10.55
C PRO B 163 29.16 -16.50 10.91
N LEU B 164 28.53 -16.63 12.07
CA LEU B 164 27.57 -15.64 12.59
C LEU B 164 28.33 -14.47 13.19
N PRO B 165 27.69 -13.29 13.26
CA PRO B 165 28.33 -12.11 13.83
C PRO B 165 28.45 -12.20 15.36
N ALA B 166 29.10 -11.20 15.94
CA ALA B 166 29.41 -11.12 17.38
C ALA B 166 28.14 -11.02 18.21
N ALA B 167 27.09 -10.40 17.66
CA ALA B 167 25.87 -10.11 18.42
C ALA B 167 24.75 -9.79 17.44
N ALA B 168 23.53 -9.80 17.95
CA ALA B 168 22.36 -9.38 17.18
C ALA B 168 21.40 -8.62 18.10
N VAL B 169 20.60 -7.76 17.49
CA VAL B 169 19.68 -6.86 18.24
C VAL B 169 18.31 -6.92 17.60
N CYS B 170 17.29 -7.15 18.42
CA CYS B 170 15.87 -7.20 18.00
C CYS B 170 15.09 -6.15 18.77
N LEU B 171 14.48 -5.21 18.05
CA LEU B 171 13.67 -4.12 18.66
C LEU B 171 12.20 -4.44 18.41
N SER B 172 11.47 -4.79 19.46
CA SER B 172 10.03 -5.18 19.37
C SER B 172 9.85 -6.20 18.26
N PRO B 173 10.60 -7.33 18.24
CA PRO B 173 10.54 -8.26 17.12
C PRO B 173 9.15 -8.88 16.91
N TRP B 174 8.81 -9.10 15.65
CA TRP B 174 7.59 -9.81 15.24
C TRP B 174 7.99 -11.21 14.77
N VAL B 175 7.70 -12.23 15.57
CA VAL B 175 8.15 -13.63 15.27
C VAL B 175 6.96 -14.60 15.24
N ASP B 176 5.77 -14.18 15.67
CA ASP B 176 4.53 -15.00 15.69
C ASP B 176 3.57 -14.43 14.66
N LEU B 177 3.47 -15.04 13.49
CA LEU B 177 2.64 -14.51 12.37
C LEU B 177 1.17 -14.88 12.56
N GLU B 178 0.80 -15.58 13.64
CA GLU B 178 -0.61 -15.93 13.95
C GLU B 178 -1.20 -15.00 15.03
N GLY B 179 -0.39 -14.19 15.71
CA GLY B 179 -0.87 -13.26 16.75
C GLY B 179 -1.60 -13.99 17.87
N ILE B 180 -0.98 -15.04 18.43
CA ILE B 180 -1.61 -15.89 19.48
C ILE B 180 -0.92 -15.69 20.83
N GLY B 181 0.00 -14.73 20.97
CA GLY B 181 0.59 -14.39 22.27
C GLY B 181 -0.46 -13.81 23.19
N GLU B 182 -0.36 -14.06 24.50
CA GLU B 182 -1.38 -13.58 25.46
C GLU B 182 -1.51 -12.05 25.36
N SER B 183 -0.39 -11.33 25.21
CA SER B 183 -0.38 -9.84 25.18
C SER B 183 -1.13 -9.29 23.96
N MET B 184 -1.33 -10.08 22.91
CA MET B 184 -2.11 -9.63 21.73
C MET B 184 -3.54 -9.33 22.17
N THR B 185 -4.00 -9.96 23.25
CA THR B 185 -5.31 -9.68 23.91
CA THR B 185 -5.30 -9.67 23.91
C THR B 185 -5.10 -8.70 25.08
N THR B 186 -4.20 -9.03 26.01
CA THR B 186 -4.10 -8.35 27.34
C THR B 186 -3.47 -6.95 27.24
N LYS B 187 -2.73 -6.63 26.18
CA LYS B 187 -2.12 -5.28 26.01
C LYS B 187 -2.83 -4.51 24.90
N ALA B 188 -3.94 -5.02 24.37
CA ALA B 188 -4.66 -4.40 23.24
C ALA B 188 -5.12 -2.98 23.59
N ALA B 189 -5.52 -2.71 24.84
CA ALA B 189 -6.07 -1.39 25.23
C ALA B 189 -4.95 -0.37 25.45
N VAL B 190 -3.68 -0.76 25.49
CA VAL B 190 -2.55 0.20 25.74
C VAL B 190 -1.63 0.32 24.52
N ASP B 191 -1.84 -0.46 23.45
CA ASP B 191 -0.94 -0.41 22.25
C ASP B 191 -1.56 0.52 21.21
N PRO B 192 -0.93 1.69 20.94
CA PRO B 192 -1.50 2.65 19.98
C PRO B 192 -1.18 2.35 18.51
N MET B 193 -0.46 1.26 18.22
CA MET B 193 0.09 1.05 16.86
C MET B 193 -0.20 -0.35 16.31
N VAL B 194 0.00 -1.40 17.11
CA VAL B 194 -0.04 -2.80 16.63
C VAL B 194 -1.28 -3.49 17.22
N GLN B 195 -2.10 -4.07 16.36
CA GLN B 195 -3.23 -4.94 16.78
C GLN B 195 -3.28 -6.14 15.85
N ARG B 196 -4.05 -7.15 16.23
N ARG B 196 -4.04 -7.16 16.27
CA ARG B 196 -3.99 -8.48 15.60
CA ARG B 196 -4.07 -8.52 15.66
C ARG B 196 -4.42 -8.40 14.13
C ARG B 196 -4.46 -8.45 14.17
N GLU B 197 -5.50 -7.70 13.80
CA GLU B 197 -6.08 -7.81 12.44
C GLU B 197 -5.09 -7.26 11.40
N PRO B 198 -4.49 -6.06 11.57
CA PRO B 198 -3.47 -5.60 10.62
C PRO B 198 -2.25 -6.52 10.55
N LEU B 199 -1.84 -7.08 11.68
CA LEU B 199 -0.71 -8.05 11.73
CA LEU B 199 -0.73 -8.07 11.77
C LEU B 199 -1.05 -9.26 10.85
N LEU B 200 -2.26 -9.82 10.98
CA LEU B 200 -2.65 -10.99 10.15
C LEU B 200 -2.69 -10.59 8.67
N ARG B 201 -3.11 -9.38 8.35
CA ARG B 201 -3.15 -8.90 6.94
C ARG B 201 -1.74 -8.88 6.37
N MET B 202 -0.76 -8.38 7.12
N MET B 202 -0.78 -8.34 7.13
CA MET B 202 0.64 -8.30 6.61
CA MET B 202 0.67 -8.27 6.75
C MET B 202 1.22 -9.71 6.54
C MET B 202 1.20 -9.69 6.56
N ALA B 203 0.94 -10.58 7.53
CA ALA B 203 1.40 -11.98 7.50
C ALA B 203 0.89 -12.67 6.24
N SER B 204 -0.39 -12.47 5.90
CA SER B 204 -1.02 -13.08 4.72
C SER B 204 -0.26 -12.66 3.45
N MET B 205 0.09 -11.39 3.34
CA MET B 205 0.80 -10.86 2.15
C MET B 205 2.21 -11.42 2.07
N TYR B 206 2.90 -11.55 3.22
CA TYR B 206 4.28 -12.08 3.26
C TYR B 206 4.29 -13.58 2.95
N LEU B 207 3.31 -14.34 3.47
CA LEU B 207 3.31 -15.83 3.35
C LEU B 207 2.80 -16.27 1.98
N ALA B 208 1.88 -15.55 1.34
CA ALA B 208 1.30 -15.93 0.03
C ALA B 208 0.86 -17.40 0.08
N GLY B 209 0.13 -17.79 1.11
CA GLY B 209 -0.45 -19.14 1.25
C GLY B 209 0.46 -20.11 1.99
N GLN B 210 1.71 -19.73 2.32
CA GLN B 210 2.65 -20.64 3.04
C GLN B 210 2.20 -20.80 4.50
N ASP B 211 2.56 -21.93 5.12
CA ASP B 211 2.29 -22.26 6.53
C ASP B 211 2.72 -21.08 7.40
N PRO B 212 1.87 -20.51 8.28
CA PRO B 212 2.29 -19.37 9.10
C PRO B 212 3.37 -19.73 10.14
N ARG B 213 3.70 -21.02 10.33
CA ARG B 213 4.81 -21.42 11.22
C ARG B 213 6.02 -21.86 10.39
N THR B 214 6.06 -21.52 9.10
CA THR B 214 7.28 -21.66 8.26
C THR B 214 8.45 -21.03 9.03
N PRO B 215 9.48 -21.81 9.42
CA PRO B 215 10.48 -21.32 10.37
C PRO B 215 11.23 -20.04 9.98
N LEU B 216 11.58 -19.83 8.71
CA LEU B 216 12.33 -18.62 8.32
C LEU B 216 11.37 -17.43 8.17
N ALA B 217 10.06 -17.65 8.18
CA ALA B 217 9.05 -16.55 8.19
C ALA B 217 8.65 -16.23 9.63
N ALA B 218 8.59 -17.25 10.50
CA ALA B 218 8.12 -17.16 11.89
C ALA B 218 9.16 -17.83 12.79
N PRO B 219 10.30 -17.16 13.06
CA PRO B 219 11.45 -17.84 13.67
C PRO B 219 11.27 -18.25 15.14
N LEU B 220 10.12 -17.95 15.74
CA LEU B 220 9.71 -18.59 17.00
C LEU B 220 9.78 -20.11 16.84
N TYR B 221 9.63 -20.63 15.62
CA TYR B 221 9.54 -22.08 15.33
C TYR B 221 10.82 -22.58 14.65
N ALA B 222 11.84 -21.74 14.56
CA ALA B 222 13.13 -22.10 13.94
C ALA B 222 14.06 -22.76 14.97
N ASP B 223 15.06 -23.47 14.45
CA ASP B 223 16.19 -23.98 15.26
C ASP B 223 17.11 -22.80 15.59
N LEU B 224 17.15 -22.38 16.85
CA LEU B 224 17.92 -21.17 17.27
C LEU B 224 19.27 -21.56 17.86
N ARG B 225 19.62 -22.84 17.91
CA ARG B 225 20.87 -23.29 18.55
C ARG B 225 22.06 -22.69 17.80
N GLY B 226 23.02 -22.13 18.54
CA GLY B 226 24.27 -21.60 17.96
C GLY B 226 24.17 -20.13 17.60
N LEU B 227 23.04 -19.48 17.85
CA LEU B 227 22.93 -18.02 17.55
C LEU B 227 23.78 -17.23 18.52
N PRO B 228 24.29 -16.06 18.10
CA PRO B 228 25.14 -15.23 18.95
C PRO B 228 24.32 -14.48 19.99
N PRO B 229 24.98 -13.82 20.96
CA PRO B 229 24.27 -13.06 21.99
C PRO B 229 23.26 -12.10 21.38
N LEU B 230 22.07 -12.10 21.95
CA LEU B 230 20.89 -11.36 21.42
CA LEU B 230 20.90 -11.38 21.42
C LEU B 230 20.43 -10.34 22.45
N LEU B 231 20.28 -9.08 22.03
CA LEU B 231 19.60 -8.05 22.83
C LEU B 231 18.19 -7.92 22.27
N ILE B 232 17.19 -8.14 23.11
CA ILE B 232 15.76 -7.93 22.74
C ILE B 232 15.27 -6.75 23.57
N GLN B 233 14.97 -5.63 22.93
CA GLN B 233 14.29 -4.49 23.61
C GLN B 233 12.83 -4.52 23.19
N VAL B 234 11.93 -4.36 24.15
CA VAL B 234 10.47 -4.40 23.88
C VAL B 234 9.79 -3.48 24.90
N GLY B 235 8.68 -2.88 24.54
CA GLY B 235 7.90 -2.06 25.48
C GLY B 235 6.86 -2.89 26.20
N THR B 236 6.51 -2.55 27.45
CA THR B 236 5.48 -3.31 28.18
C THR B 236 4.08 -2.92 27.67
N ALA B 237 3.94 -1.79 26.97
CA ALA B 237 2.66 -1.35 26.37
C ALA B 237 2.61 -1.82 24.92
N GLU B 238 2.86 -3.11 24.70
CA GLU B 238 2.93 -3.71 23.35
C GLU B 238 2.12 -4.99 23.28
N THR B 239 1.24 -5.10 22.28
CA THR B 239 0.62 -6.39 21.91
C THR B 239 1.72 -7.39 21.52
N LEU B 240 2.86 -6.92 20.99
CA LEU B 240 3.99 -7.83 20.64
C LEU B 240 4.89 -8.12 21.85
N LEU B 241 4.53 -7.73 23.07
CA LEU B 241 5.36 -8.06 24.26
C LEU B 241 5.64 -9.57 24.29
N ASP B 242 4.63 -10.41 24.10
CA ASP B 242 4.81 -11.88 24.24
C ASP B 242 5.57 -12.46 23.04
N ASP B 243 5.70 -11.74 21.92
CA ASP B 243 6.65 -12.17 20.87
C ASP B 243 8.07 -12.17 21.46
N SER B 244 8.42 -11.11 22.19
CA SER B 244 9.78 -10.98 22.80
C SER B 244 9.93 -12.00 23.93
N VAL B 245 8.90 -12.18 24.75
CA VAL B 245 8.97 -13.13 25.91
C VAL B 245 9.20 -14.54 25.34
N ARG B 246 8.42 -14.93 24.33
CA ARG B 246 8.53 -16.30 23.77
C ARG B 246 9.85 -16.43 23.00
N LEU B 247 10.31 -15.39 22.30
CA LEU B 247 11.59 -15.49 21.58
C LEU B 247 12.71 -15.71 22.60
N ALA B 248 12.72 -14.97 23.70
CA ALA B 248 13.74 -15.09 24.75
C ALA B 248 13.70 -16.52 25.33
N GLU B 249 12.50 -17.03 25.63
CA GLU B 249 12.34 -18.41 26.16
C GLU B 249 12.94 -19.40 25.17
N ARG B 250 12.58 -19.31 23.90
CA ARG B 250 13.00 -20.30 22.88
C ARG B 250 14.50 -20.18 22.66
N ALA B 251 15.03 -18.98 22.57
CA ALA B 251 16.48 -18.78 22.36
C ALA B 251 17.26 -19.30 23.57
N ARG B 252 16.82 -19.02 24.80
CA ARG B 252 17.50 -19.53 26.02
C ARG B 252 17.43 -21.06 26.03
N ALA B 253 16.32 -21.66 25.64
CA ALA B 253 16.17 -23.13 25.60
C ALA B 253 17.10 -23.73 24.54
N ALA B 254 17.54 -22.93 23.57
CA ALA B 254 18.49 -23.30 22.50
C ALA B 254 19.93 -22.92 22.89
N GLY B 255 20.17 -22.43 24.11
CA GLY B 255 21.53 -22.12 24.63
C GLY B 255 22.06 -20.75 24.22
N VAL B 256 21.21 -19.88 23.69
CA VAL B 256 21.61 -18.51 23.26
C VAL B 256 21.66 -17.60 24.49
N GLN B 257 22.64 -16.70 24.56
N GLN B 257 22.69 -16.77 24.59
CA GLN B 257 22.79 -15.69 25.64
CA GLN B 257 22.77 -15.68 25.59
C GLN B 257 21.90 -14.48 25.33
C GLN B 257 21.77 -14.60 25.17
N VAL B 258 20.73 -14.41 25.96
CA VAL B 258 19.70 -13.38 25.67
C VAL B 258 19.71 -12.31 26.76
N THR B 259 19.73 -11.06 26.35
CA THR B 259 19.41 -9.90 27.22
C THR B 259 18.03 -9.40 26.82
N LEU B 260 17.03 -9.61 27.68
CA LEU B 260 15.63 -9.22 27.41
C LEU B 260 15.33 -7.99 28.25
N GLU B 261 15.07 -6.85 27.60
CA GLU B 261 14.80 -5.57 28.29
C GLU B 261 13.37 -5.14 28.00
N PRO B 262 12.39 -5.43 28.90
CA PRO B 262 11.05 -4.87 28.78
C PRO B 262 11.04 -3.47 29.41
N TRP B 263 10.96 -2.43 28.58
CA TRP B 263 10.98 -1.02 29.05
C TRP B 263 9.57 -0.61 29.46
N GLU B 264 9.40 -0.25 30.73
CA GLU B 264 8.08 0.03 31.34
C GLU B 264 7.39 1.15 30.55
N ASP B 265 6.15 0.87 30.13
CA ASP B 265 5.19 1.81 29.49
C ASP B 265 5.59 2.14 28.04
N MET B 266 6.71 1.61 27.54
CA MET B 266 7.15 1.98 26.18
C MET B 266 6.29 1.28 25.14
N ILE B 267 6.14 1.93 23.97
N ILE B 267 6.30 1.84 23.94
CA ILE B 267 5.29 1.46 22.85
CA ILE B 267 5.42 1.44 22.82
C ILE B 267 6.20 0.93 21.73
C ILE B 267 6.27 0.87 21.70
N HIS B 268 5.60 0.37 20.69
CA HIS B 268 6.26 -0.35 19.57
C HIS B 268 7.36 0.50 18.94
N VAL B 269 8.59 -0.03 18.91
CA VAL B 269 9.79 0.62 18.30
C VAL B 269 9.83 2.08 18.76
N TRP B 270 9.70 2.29 20.06
CA TRP B 270 9.77 3.64 20.68
C TRP B 270 11.12 4.30 20.35
N GLN B 271 12.16 3.52 20.07
CA GLN B 271 13.50 4.02 19.69
C GLN B 271 13.40 4.92 18.44
N ALA B 272 12.44 4.66 17.54
CA ALA B 272 12.27 5.44 16.29
C ALA B 272 11.84 6.88 16.62
N PHE B 273 11.36 7.14 17.84
CA PHE B 273 10.89 8.47 18.27
C PHE B 273 11.95 9.20 19.11
N ALA B 274 13.21 8.76 19.06
CA ALA B 274 14.31 9.27 19.91
C ALA B 274 14.50 10.78 19.76
N ALA B 275 14.15 11.37 18.60
CA ALA B 275 14.28 12.84 18.37
C ALA B 275 13.45 13.60 19.42
N MET B 276 12.31 13.06 19.86
CA MET B 276 11.40 13.77 20.81
C MET B 276 11.11 12.94 22.07
N LEU B 277 11.50 11.67 22.13
CA LEU B 277 11.19 10.79 23.29
C LEU B 277 12.50 10.43 24.01
N PRO B 278 12.76 10.98 25.22
CA PRO B 278 14.01 10.68 25.93
C PRO B 278 14.28 9.18 26.07
N GLU B 279 13.26 8.38 26.36
CA GLU B 279 13.43 6.92 26.55
C GLU B 279 13.87 6.27 25.23
N GLY B 280 13.51 6.84 24.08
CA GLY B 280 13.99 6.36 22.78
C GLY B 280 15.49 6.47 22.68
N GLN B 281 16.04 7.65 23.01
CA GLN B 281 17.51 7.86 22.95
C GLN B 281 18.18 7.02 24.05
N GLN B 282 17.60 6.90 25.24
CA GLN B 282 18.20 6.07 26.33
C GLN B 282 18.33 4.62 25.82
N ALA B 283 17.30 4.10 25.14
CA ALA B 283 17.33 2.70 24.67
C ALA B 283 18.39 2.54 23.59
N ILE B 284 18.55 3.53 22.70
CA ILE B 284 19.60 3.47 21.64
C ILE B 284 20.99 3.50 22.29
N GLU B 285 21.18 4.29 23.35
CA GLU B 285 22.49 4.30 24.07
C GLU B 285 22.76 2.88 24.59
N ARG B 286 21.74 2.20 25.10
CA ARG B 286 21.88 0.79 25.59
C ARG B 286 22.26 -0.13 24.43
N ILE B 287 21.64 0.03 23.26
CA ILE B 287 22.02 -0.76 22.06
C ILE B 287 23.52 -0.56 21.77
N GLY B 288 23.99 0.69 21.76
CA GLY B 288 25.41 0.99 21.52
C GLY B 288 26.30 0.32 22.56
N GLU B 289 25.93 0.39 23.83
CA GLU B 289 26.71 -0.24 24.94
C GLU B 289 26.77 -1.75 24.72
N PHE B 290 25.64 -2.38 24.40
CA PHE B 290 25.55 -3.84 24.18
C PHE B 290 26.49 -4.24 23.02
N LEU B 291 26.42 -3.52 21.91
CA LEU B 291 27.26 -3.85 20.73
C LEU B 291 28.73 -3.66 21.07
N ARG B 292 29.11 -2.54 21.68
CA ARG B 292 30.53 -2.24 22.00
C ARG B 292 31.06 -3.30 22.97
N GLN B 293 30.23 -3.78 23.91
CA GLN B 293 30.62 -4.84 24.88
C GLN B 293 30.98 -6.12 24.11
N HIS B 294 30.21 -6.49 23.09
CA HIS B 294 30.41 -7.75 22.34
C HIS B 294 31.49 -7.62 21.26
N TRP B 295 31.93 -6.40 20.94
CA TRP B 295 33.01 -6.14 19.96
C TRP B 295 34.37 -5.98 20.65
N GLN B 296 34.38 -5.78 21.98
CA GLN B 296 35.64 -5.59 22.76
C GLN B 296 36.52 -6.84 22.62
C FMT C . -12.01 19.47 -4.00
O1 FMT C . -10.95 19.36 -4.57
O2 FMT C . -12.28 19.00 -2.80
C FMT D . -21.01 -10.26 -29.63
O1 FMT D . -22.06 -10.83 -29.35
O2 FMT D . -19.82 -10.73 -29.40
C FMT E . -26.96 -17.78 -14.68
O1 FMT E . -26.32 -17.16 -15.52
O2 FMT E . -27.69 -17.23 -13.76
C FMT F . -6.96 20.88 -24.03
O1 FMT F . -8.00 20.28 -23.82
O2 FMT F . -6.88 22.15 -24.30
C FMT G . -8.93 21.37 -8.09
O1 FMT G . -9.47 21.59 -7.03
O2 FMT G . -7.66 21.50 -8.32
C FMT H . -35.14 13.40 -6.54
O1 FMT H . -35.56 13.11 -5.45
O2 FMT H . -34.70 14.58 -6.90
C1 NPX I . -11.70 -7.80 -12.21
O2 NPX I . -10.93 -8.79 -12.75
C2 NPX I . -11.00 -6.63 -11.84
C3 NPX I . -11.65 -5.57 -11.30
C4 NPX I . -13.05 -5.62 -11.08
C5 NPX I . -13.76 -6.79 -11.46
C6 NPX I . -13.06 -7.88 -12.03
C7 NPX I . -13.77 -4.54 -10.51
C8 NPX I . -15.12 -4.60 -10.31
C9 NPX I . -15.93 -3.48 -9.67
C10 NPX I . -16.09 -3.65 -8.16
C13 NPX I . -15.15 -6.84 -11.25
C11 NPX I . -15.81 -5.79 -10.68
C12 NPX I . -11.55 -9.96 -13.28
O NPX I . -16.00 -1.35 -10.72
OXT NPX I . -14.31 -1.74 -9.39
C15 NPX I . -15.36 -2.08 -9.95
C MOH J . -17.60 0.90 -7.68
O MOH J . -17.76 -0.45 -7.90
C FMT K . 16.86 -18.69 2.74
O1 FMT K . 15.86 -18.63 2.02
O2 FMT K . 17.96 -18.04 2.52
C FMT L . 14.02 4.44 -3.16
O1 FMT L . 13.25 3.71 -3.74
O2 FMT L . 15.16 4.84 -3.64
C FMT M . 11.29 -3.69 -3.23
O1 FMT M . 10.45 -4.56 -3.04
O2 FMT M . 11.71 -2.89 -2.29
C1 NPX N . 9.63 6.92 12.66
O2 NPX N . 10.04 8.22 12.75
C2 NPX N . 10.28 6.18 11.64
C3 NPX N . 9.98 4.87 11.44
C4 NPX N . 9.00 4.21 12.23
C5 NPX N . 8.35 4.96 13.25
C6 NPX N . 8.70 6.31 13.46
C7 NPX N . 8.65 2.86 12.03
C8 NPX N . 7.68 2.25 12.80
C9 NPX N . 7.26 0.79 12.60
C10 NPX N . 6.19 0.63 11.53
C13 NPX N . 7.38 4.31 14.05
C11 NPX N . 7.05 3.00 13.82
C12 NPX N . 9.28 9.14 13.53
O NPX N . 8.82 -0.20 11.09
OXT NPX N . 9.07 -0.59 13.23
C15 NPX N . 8.47 -0.08 12.28
C MOH O . 6.72 -4.04 11.54
O MOH O . 5.97 -3.07 12.23
#